data_1SL2
#
_entry.id   1SL2
#
_cell.length_a   104.983
_cell.length_b   212.599
_cell.length_c   51.945
_cell.angle_alpha   90.00
_cell.angle_beta   90.00
_cell.angle_gamma   90.00
#
_symmetry.space_group_name_H-M   'P 21 21 2'
#
loop_
_entity.id
_entity.type
_entity.pdbx_description
1 polymer "5'-D(*CP*GP*AP*AP*AP*AP*CP*GP*AP*CP*GP*GP*CP*CP*AP*GP*TP*GP*CP*CP*TP*(2DA))-3'"
2 polymer "5'-D(*CP*CP*CP*(TTD)P*AP*GP*GP*CP*AP*CP*TP*GP*GP*CP*CP*GP*TP*CP*GP*TP*TP*TP*TP*CP*G)-3'"
3 polymer 'DNA polymerase'
4 polymer 'Thioredoxin 1'
5 non-polymer 'MAGNESIUM ION'
6 non-polymer "2',3'-DIDEOXYADENOSINE-5'-TRIPHOSPHATE"
7 water water
#
loop_
_entity_poly.entity_id
_entity_poly.type
_entity_poly.pdbx_seq_one_letter_code
_entity_poly.pdbx_strand_id
1 'polydeoxyribonucleotide'
;(DC)(DG)(DA)(DA)(DA)(DA)(DC)(DG)(DA)(DC)(DG)(DG)(DC)(DC)(DA)(DG)(DT)(DG)(DC)(DC)
(DT)(2DA)
;
P
2 'polydeoxyribonucleotide'
;(DC)(DC)(DC)(TTD)(DA)(DG)(DG)(DC)(DA)(DC)(DT)(DG)(DG)(DC)(DC)(DG)(DT)(DC)(DG)
(DT)(DT)(DT)(DT)(DC)(DG)
;
T
3 'polypeptide(L)'
;MIVSDIEANALLESVTKFHCGVIYDYSTAEYVSYRPSDFGAYLDALEAEVARGGLIVFHNGHKYDVPALTKLAKLQLNRE
FHLPRENCIDTLVLSRLIHSNLKDTDMGLLRSGKLPGALEAWGYRLGEMKGEYKDDFKRMLEEQGEEYVDGMEWWNFNEE
MMDYNVQDVVVTKALLEKLLSDKHYFPPEIDFTDVGYTTFWSESLEAVDIEHRAAWLLAKQERNGFPFDTKAIEELYVEL
AARRSELLRKLTETFGSWYQPKGGTEMFCHPRTGKPLPKYPRIKTPKVGGIFKKPKNKAQREGREPCELDTREYVAGAPY
TPVEHVVFNPSSRDHIQKKLQEAGWVPTKYTDKGAPVVDDEVLEGVRVDDPEKQAAIDLIKEYLMIQKRIGQSAEGDKAW
LRYVAEDGKIHGSVNPNGAVTGRATHAFPNLAQIPGVRSPYGEQCRAAFGAEHHLDGITGKPWVQAGIDASGLELRCLAH
FMARFDNGEYAHEILNGDIHTKNQIAAELPTRDNAKTFIYGFLYGAGDEKIGQIVGAGKERGKELKKKFLENTPAIAALR
ESIQQTLVESSQWVAGEQQVKWKRRWIKGLDGRKVHVRSPHAALNTLLQSAGALICKLWIIKTEEMLVEKGLKHGWDGDF
AYMAWVHDEIQVGCRTEEIAQVVIETAQEAMRWVGDHWNFRCLLDTEGKMGPNWAICH
;
A
4 'polypeptide(L)'
;SDKIIHLTDDSFDTDVLKADGAILVDFWAEWCGPCKMIAPILDEIADEYQGKLTVAKLNIDQNPGTAPKYGIRGIPTLLL
FKNGEVAATKVGALSKGQLKEFLDANLA
;
B
#
# COMPACT_ATOMS: atom_id res chain seq x y z
N MET C 1 -37.80 -5.65 -13.32
CA MET C 1 -36.33 -5.47 -13.13
C MET C 1 -35.68 -5.05 -14.43
N ILE C 2 -34.78 -4.07 -14.35
CA ILE C 2 -34.05 -3.62 -15.53
C ILE C 2 -32.57 -3.64 -15.21
N VAL C 3 -31.75 -3.78 -16.24
CA VAL C 3 -30.31 -3.78 -16.10
C VAL C 3 -29.86 -2.61 -16.95
N SER C 4 -28.96 -1.79 -16.41
CA SER C 4 -28.52 -0.62 -17.12
C SER C 4 -27.07 -0.27 -16.87
N ASP C 5 -26.56 0.63 -17.70
CA ASP C 5 -25.19 1.12 -17.62
C ASP C 5 -25.13 2.41 -18.45
N ILE C 6 -24.23 3.32 -18.08
CA ILE C 6 -24.11 4.57 -18.83
C ILE C 6 -22.66 4.81 -19.18
N GLU C 7 -22.44 5.65 -20.19
CA GLU C 7 -21.10 6.02 -20.58
C GLU C 7 -21.12 7.53 -20.43
N ALA C 8 -20.10 8.08 -19.77
CA ALA C 8 -20.03 9.51 -19.57
C ALA C 8 -18.60 10.00 -19.85
N ASN C 9 -18.43 11.32 -19.91
CA ASN C 9 -17.14 11.92 -20.25
C ASN C 9 -16.01 11.90 -19.22
N ALA C 10 -16.30 11.66 -17.95
CA ALA C 10 -15.23 11.64 -16.94
C ALA C 10 -15.61 10.90 -15.66
N LEU C 11 -14.67 10.87 -14.72
CA LEU C 11 -14.90 10.24 -13.43
C LEU C 11 -15.94 11.10 -12.70
N LEU C 12 -16.60 10.52 -11.69
CA LEU C 12 -17.64 11.22 -10.93
C LEU C 12 -17.28 12.65 -10.54
N GLU C 13 -16.08 12.83 -9.99
CA GLU C 13 -15.64 14.14 -9.56
C GLU C 13 -15.75 15.26 -10.62
N SER C 14 -15.47 14.93 -11.87
CA SER C 14 -15.53 15.96 -12.89
C SER C 14 -16.42 15.65 -14.08
N VAL C 15 -17.34 14.69 -13.94
CA VAL C 15 -18.22 14.35 -15.05
C VAL C 15 -19.15 15.53 -15.33
N THR C 16 -19.31 15.85 -16.61
CA THR C 16 -20.18 16.95 -17.01
C THR C 16 -21.10 16.57 -18.17
N LYS C 17 -20.85 15.44 -18.81
CA LYS C 17 -21.70 15.03 -19.92
C LYS C 17 -22.03 13.54 -19.97
N PHE C 18 -23.32 13.28 -20.19
CA PHE C 18 -23.85 11.94 -20.35
C PHE C 18 -23.68 11.66 -21.86
N HIS C 19 -22.95 10.61 -22.22
CA HIS C 19 -22.77 10.30 -23.63
C HIS C 19 -23.88 9.36 -24.13
N CYS C 20 -24.11 8.27 -23.41
CA CYS C 20 -25.13 7.31 -23.80
C CYS C 20 -25.47 6.38 -22.65
N GLY C 21 -26.53 5.60 -22.85
CA GLY C 21 -26.99 4.66 -21.85
C GLY C 21 -27.75 3.52 -22.49
N VAL C 22 -27.79 2.37 -21.81
CA VAL C 22 -28.48 1.21 -22.33
C VAL C 22 -29.33 0.59 -21.24
N ILE C 23 -30.55 0.18 -21.59
CA ILE C 23 -31.44 -0.45 -20.63
C ILE C 23 -31.98 -1.77 -21.14
N TYR C 24 -31.84 -2.80 -20.32
CA TYR C 24 -32.39 -4.11 -20.65
C TYR C 24 -33.57 -4.27 -19.70
N ASP C 25 -34.74 -4.54 -20.26
CA ASP C 25 -35.94 -4.71 -19.44
C ASP C 25 -36.42 -6.17 -19.45
N TYR C 26 -36.36 -6.83 -18.30
CA TYR C 26 -36.79 -8.23 -18.20
C TYR C 26 -38.23 -8.49 -18.66
N SER C 27 -39.12 -7.52 -18.44
CA SER C 27 -40.52 -7.69 -18.84
C SER C 27 -40.77 -7.62 -20.35
N THR C 28 -39.81 -7.10 -21.10
CA THR C 28 -39.93 -7.00 -22.57
C THR C 28 -38.83 -7.83 -23.21
N ALA C 29 -37.76 -8.08 -22.45
CA ALA C 29 -36.61 -8.85 -22.93
C ALA C 29 -35.91 -8.14 -24.09
N GLU C 30 -36.00 -6.81 -24.14
CA GLU C 30 -35.37 -6.06 -25.22
C GLU C 30 -34.34 -5.05 -24.70
N TYR C 31 -33.35 -4.75 -25.54
CA TYR C 31 -32.34 -3.78 -25.18
C TYR C 31 -32.67 -2.46 -25.85
N VAL C 32 -32.58 -1.36 -25.10
CA VAL C 32 -32.86 -0.06 -25.67
C VAL C 32 -31.65 0.85 -25.48
N SER C 33 -31.22 1.49 -26.57
CA SER C 33 -30.08 2.37 -26.53
C SER C 33 -30.53 3.82 -26.46
N TYR C 34 -29.82 4.59 -25.67
CA TYR C 34 -30.11 6.01 -25.50
C TYR C 34 -28.84 6.77 -25.84
N ARG C 35 -28.96 7.69 -26.78
CA ARG C 35 -27.84 8.51 -27.23
C ARG C 35 -27.87 9.85 -26.49
N PRO C 36 -26.82 10.67 -26.64
CA PRO C 36 -26.80 11.95 -25.94
C PRO C 36 -28.08 12.78 -25.88
N SER C 37 -28.77 12.94 -26.99
CA SER C 37 -30.00 13.73 -26.96
C SER C 37 -31.17 12.98 -26.32
N ASP C 38 -30.95 11.72 -25.94
CA ASP C 38 -31.99 10.90 -25.31
C ASP C 38 -31.86 10.89 -23.79
N PHE C 39 -30.95 11.68 -23.24
CA PHE C 39 -30.73 11.70 -21.78
C PHE C 39 -32.03 11.81 -20.98
N GLY C 40 -32.88 12.76 -21.35
CA GLY C 40 -34.15 12.94 -20.65
C GLY C 40 -34.96 11.66 -20.62
N ALA C 41 -35.06 11.00 -21.76
CA ALA C 41 -35.80 9.76 -21.88
C ALA C 41 -35.14 8.65 -21.08
N TYR C 42 -33.81 8.65 -21.03
CA TYR C 42 -33.11 7.60 -20.28
C TYR C 42 -33.56 7.66 -18.82
N LEU C 43 -33.51 8.86 -18.26
CA LEU C 43 -33.90 9.10 -16.88
C LEU C 43 -35.38 8.75 -16.67
N ASP C 44 -36.24 9.15 -17.59
CA ASP C 44 -37.67 8.86 -17.47
C ASP C 44 -37.88 7.37 -17.29
N ALA C 45 -37.18 6.58 -18.12
CA ALA C 45 -37.28 5.13 -18.06
C ALA C 45 -36.84 4.57 -16.71
N LEU C 46 -35.78 5.14 -16.13
CA LEU C 46 -35.32 4.68 -14.82
C LEU C 46 -36.36 5.00 -13.75
N GLU C 47 -36.91 6.20 -13.78
CA GLU C 47 -37.91 6.58 -12.80
C GLU C 47 -39.22 5.82 -12.98
N ALA C 48 -39.45 5.31 -14.18
CA ALA C 48 -40.67 4.55 -14.45
C ALA C 48 -40.56 3.21 -13.73
N GLU C 49 -39.37 2.62 -13.76
CA GLU C 49 -39.13 1.35 -13.09
C GLU C 49 -39.32 1.56 -11.59
N VAL C 50 -38.89 2.72 -11.10
CA VAL C 50 -39.02 3.07 -9.68
C VAL C 50 -40.50 3.24 -9.31
N ALA C 51 -41.27 3.77 -10.25
CA ALA C 51 -42.71 3.98 -10.02
C ALA C 51 -43.43 2.64 -9.90
N ARG C 52 -42.91 1.61 -10.55
CA ARG C 52 -43.53 0.29 -10.50
C ARG C 52 -43.09 -0.49 -9.25
N GLY C 53 -42.27 0.13 -8.42
CA GLY C 53 -41.77 -0.58 -7.25
C GLY C 53 -40.77 -1.59 -7.76
N GLY C 54 -40.16 -1.28 -8.89
CA GLY C 54 -39.19 -2.17 -9.51
C GLY C 54 -37.77 -2.09 -9.02
N LEU C 55 -36.86 -2.68 -9.78
CA LEU C 55 -35.44 -2.72 -9.44
C LEU C 55 -34.56 -2.33 -10.61
N ILE C 56 -33.44 -1.66 -10.30
CA ILE C 56 -32.48 -1.22 -11.30
C ILE C 56 -31.11 -1.82 -11.00
N VAL C 57 -30.59 -2.61 -11.94
CA VAL C 57 -29.28 -3.23 -11.76
C VAL C 57 -28.17 -2.55 -12.57
N PHE C 58 -27.13 -2.15 -11.85
CA PHE C 58 -25.95 -1.52 -12.43
C PHE C 58 -24.76 -2.33 -11.92
N HIS C 59 -23.64 -2.25 -12.63
CA HIS C 59 -22.43 -2.91 -12.13
C HIS C 59 -21.65 -1.71 -11.60
N ASN C 60 -21.46 -1.65 -10.28
CA ASN C 60 -20.74 -0.53 -9.65
C ASN C 60 -21.55 0.77 -9.78
N GLY C 61 -22.88 0.64 -9.81
CA GLY C 61 -23.73 1.81 -9.94
C GLY C 61 -23.80 2.63 -8.66
N HIS C 62 -23.60 1.99 -7.52
CA HIS C 62 -23.66 2.69 -6.23
C HIS C 62 -22.58 3.79 -6.13
N LYS C 63 -21.39 3.51 -6.62
CA LYS C 63 -20.35 4.52 -6.54
C LYS C 63 -20.29 5.42 -7.75
N TYR C 64 -20.74 4.93 -8.91
CA TYR C 64 -20.68 5.75 -10.10
C TYR C 64 -21.99 6.14 -10.81
N ASP C 65 -22.56 5.21 -11.56
CA ASP C 65 -23.79 5.51 -12.32
C ASP C 65 -24.87 6.29 -11.58
N VAL C 66 -25.26 5.82 -10.39
CA VAL C 66 -26.31 6.50 -9.63
C VAL C 66 -25.93 7.94 -9.26
N PRO C 67 -24.78 8.13 -8.59
CA PRO C 67 -24.36 9.50 -8.21
C PRO C 67 -24.17 10.34 -9.48
N ALA C 68 -23.51 9.75 -10.47
CA ALA C 68 -23.25 10.46 -11.73
C ALA C 68 -24.53 10.98 -12.37
N LEU C 69 -25.57 10.15 -12.40
CA LEU C 69 -26.83 10.56 -13.00
C LEU C 69 -27.50 11.72 -12.25
N THR C 70 -27.41 11.72 -10.92
CA THR C 70 -27.99 12.82 -10.14
C THR C 70 -27.26 14.09 -10.58
N LYS C 71 -25.93 14.00 -10.60
CA LYS C 71 -25.09 15.12 -10.99
C LYS C 71 -25.36 15.60 -12.42
N LEU C 72 -25.37 14.67 -13.37
CA LEU C 72 -25.61 15.05 -14.76
C LEU C 72 -27.01 15.59 -15.03
N ALA C 73 -28.02 15.10 -14.30
CA ALA C 73 -29.39 15.57 -14.51
C ALA C 73 -29.48 17.04 -14.13
N LYS C 74 -28.85 17.41 -13.04
CA LYS C 74 -28.88 18.79 -12.59
C LYS C 74 -28.14 19.70 -13.58
N LEU C 75 -26.91 19.33 -13.93
CA LEU C 75 -26.09 20.11 -14.85
C LEU C 75 -26.65 20.24 -16.28
N GLN C 76 -27.03 19.11 -16.88
CA GLN C 76 -27.52 19.11 -18.25
C GLN C 76 -28.98 19.43 -18.49
N LEU C 77 -29.85 19.02 -17.57
CA LEU C 77 -31.28 19.25 -17.75
C LEU C 77 -31.90 20.09 -16.66
N ASN C 78 -31.09 20.51 -15.70
CA ASN C 78 -31.59 21.27 -14.57
C ASN C 78 -32.74 20.47 -13.95
N ARG C 79 -32.51 19.15 -13.84
CA ARG C 79 -33.51 18.24 -13.28
C ARG C 79 -33.03 17.60 -11.96
N GLU C 80 -33.97 17.36 -11.05
CA GLU C 80 -33.66 16.71 -9.78
C GLU C 80 -33.92 15.22 -9.98
N PHE C 81 -32.85 14.43 -9.92
CA PHE C 81 -32.93 12.99 -10.12
C PHE C 81 -32.20 12.29 -8.98
N HIS C 82 -32.92 11.46 -8.23
CA HIS C 82 -32.35 10.75 -7.09
C HIS C 82 -32.94 9.35 -6.98
N LEU C 83 -32.24 8.35 -7.51
CA LEU C 83 -32.73 6.98 -7.42
C LEU C 83 -32.72 6.51 -5.98
N PRO C 84 -33.83 5.96 -5.49
CA PRO C 84 -33.84 5.50 -4.10
C PRO C 84 -32.89 4.31 -3.90
N ARG C 85 -32.20 4.30 -2.76
CA ARG C 85 -31.28 3.22 -2.42
C ARG C 85 -31.96 1.85 -2.52
N GLU C 86 -33.21 1.76 -2.05
CA GLU C 86 -33.92 0.49 -2.08
C GLU C 86 -34.29 -0.06 -3.45
N ASN C 87 -34.19 0.75 -4.50
CA ASN C 87 -34.51 0.28 -5.85
C ASN C 87 -33.28 -0.13 -6.65
N CYS C 88 -32.09 0.01 -6.05
CA CYS C 88 -30.86 -0.29 -6.78
C CYS C 88 -30.08 -1.53 -6.39
N ILE C 89 -29.68 -2.29 -7.40
CA ILE C 89 -28.87 -3.49 -7.20
C ILE C 89 -27.52 -3.21 -7.85
N ASP C 90 -26.46 -3.75 -7.27
CA ASP C 90 -25.11 -3.55 -7.81
C ASP C 90 -24.41 -4.91 -7.92
N THR C 91 -24.15 -5.36 -9.14
CA THR C 91 -23.49 -6.64 -9.32
C THR C 91 -22.05 -6.69 -8.80
N LEU C 92 -21.40 -5.55 -8.63
CA LEU C 92 -20.02 -5.56 -8.11
C LEU C 92 -20.13 -5.82 -6.62
N VAL C 93 -21.07 -5.13 -5.99
CA VAL C 93 -21.34 -5.29 -4.56
C VAL C 93 -21.74 -6.76 -4.33
N LEU C 94 -22.52 -7.31 -5.26
CA LEU C 94 -22.95 -8.71 -5.14
C LEU C 94 -21.79 -9.69 -5.25
N SER C 95 -20.95 -9.48 -6.27
CA SER C 95 -19.80 -10.35 -6.50
C SER C 95 -18.83 -10.32 -5.34
N ARG C 96 -18.63 -9.13 -4.77
CA ARG C 96 -17.71 -9.01 -3.67
C ARG C 96 -18.21 -9.77 -2.43
N LEU C 97 -19.51 -10.01 -2.39
CA LEU C 97 -20.12 -10.75 -1.29
C LEU C 97 -20.05 -12.25 -1.55
N ILE C 98 -20.55 -12.66 -2.70
CA ILE C 98 -20.56 -14.08 -3.05
C ILE C 98 -19.15 -14.64 -3.25
N HIS C 99 -18.33 -13.93 -4.02
CA HIS C 99 -16.95 -14.39 -4.25
C HIS C 99 -15.98 -13.60 -3.38
N SER C 100 -16.30 -13.51 -2.10
CA SER C 100 -15.48 -12.80 -1.13
C SER C 100 -14.07 -13.37 -1.02
N ASN C 101 -13.89 -14.56 -1.57
CA ASN C 101 -12.60 -15.23 -1.56
C ASN C 101 -11.73 -14.79 -2.74
N LEU C 102 -12.29 -14.00 -3.65
CA LEU C 102 -11.53 -13.55 -4.82
C LEU C 102 -11.27 -12.04 -4.81
N LYS C 103 -10.14 -11.66 -5.41
CA LYS C 103 -9.78 -10.24 -5.54
C LYS C 103 -10.41 -9.78 -6.84
N ASP C 104 -10.41 -8.46 -7.08
CA ASP C 104 -10.90 -7.90 -8.33
C ASP C 104 -10.03 -6.67 -8.59
N THR C 105 -10.14 -6.09 -9.79
CA THR C 105 -9.33 -4.94 -10.16
C THR C 105 -9.87 -3.60 -9.68
N ASP C 106 -11.01 -3.63 -8.99
CA ASP C 106 -11.64 -2.41 -8.49
C ASP C 106 -11.92 -1.55 -9.71
N MET C 107 -12.57 -2.16 -10.69
CA MET C 107 -12.95 -1.51 -11.94
C MET C 107 -11.78 -0.89 -12.71
N GLY C 108 -10.74 -1.69 -12.93
CA GLY C 108 -9.59 -1.22 -13.68
C GLY C 108 -8.55 -0.38 -12.97
N LEU C 109 -8.78 0.00 -11.71
CA LEU C 109 -7.80 0.80 -10.99
C LEU C 109 -6.57 -0.03 -10.63
N LEU C 110 -6.75 -1.35 -10.52
CA LEU C 110 -5.64 -2.25 -10.19
C LEU C 110 -5.28 -3.09 -11.40
N ARG C 111 -4.00 -3.34 -11.58
CA ARG C 111 -3.53 -4.17 -12.70
C ARG C 111 -3.80 -5.61 -12.31
N SER C 112 -4.52 -6.33 -13.17
CA SER C 112 -4.88 -7.72 -12.89
C SER C 112 -3.69 -8.67 -12.70
N GLY C 113 -2.59 -8.40 -13.39
CA GLY C 113 -1.42 -9.25 -13.25
C GLY C 113 -0.86 -9.27 -11.84
N LYS C 114 -1.02 -8.16 -11.13
CA LYS C 114 -0.53 -8.03 -9.76
C LYS C 114 -1.40 -8.72 -8.70
N LEU C 115 -2.66 -8.94 -9.02
CA LEU C 115 -3.58 -9.58 -8.08
C LEU C 115 -3.30 -11.06 -7.93
N PRO C 116 -3.44 -11.59 -6.70
CA PRO C 116 -3.20 -13.02 -6.50
C PRO C 116 -4.51 -13.78 -6.74
N GLY C 117 -4.41 -15.07 -7.04
CA GLY C 117 -5.58 -15.89 -7.27
C GLY C 117 -6.31 -15.69 -8.59
N ALA C 118 -7.46 -16.34 -8.73
CA ALA C 118 -8.25 -16.23 -9.94
C ALA C 118 -9.19 -15.02 -9.87
N LEU C 119 -9.79 -14.69 -11.01
CA LEU C 119 -10.72 -13.58 -11.08
C LEU C 119 -12.00 -14.03 -11.77
N GLU C 120 -13.15 -13.62 -11.23
CA GLU C 120 -14.41 -14.00 -11.85
C GLU C 120 -14.45 -13.36 -13.25
N ALA C 121 -14.70 -14.18 -14.27
CA ALA C 121 -14.70 -13.75 -15.68
C ALA C 121 -15.55 -12.54 -16.09
N TRP C 122 -16.83 -12.55 -15.75
CA TRP C 122 -17.72 -11.46 -16.12
C TRP C 122 -17.27 -10.14 -15.51
N GLY C 123 -17.00 -10.17 -14.20
CA GLY C 123 -16.57 -8.98 -13.51
C GLY C 123 -15.23 -8.51 -14.04
N TYR C 124 -14.41 -9.45 -14.49
CA TYR C 124 -13.11 -9.09 -15.03
C TYR C 124 -13.32 -8.27 -16.30
N ARG C 125 -14.17 -8.78 -17.18
CA ARG C 125 -14.48 -8.11 -18.44
C ARG C 125 -15.02 -6.71 -18.18
N LEU C 126 -15.96 -6.61 -17.25
CA LEU C 126 -16.55 -5.33 -16.93
C LEU C 126 -15.48 -4.34 -16.45
N GLY C 127 -14.56 -4.83 -15.63
CA GLY C 127 -13.51 -3.98 -15.11
C GLY C 127 -12.48 -3.58 -16.15
N GLU C 128 -12.37 -4.35 -17.23
CA GLU C 128 -11.40 -4.07 -18.27
C GLU C 128 -11.99 -3.34 -19.48
N MET C 129 -13.28 -3.06 -19.44
CA MET C 129 -13.95 -2.39 -20.55
C MET C 129 -13.36 -1.04 -20.96
N LYS C 130 -13.06 -0.19 -19.99
CA LYS C 130 -12.50 1.12 -20.30
C LYS C 130 -11.17 0.98 -21.03
N GLY C 131 -10.31 0.11 -20.52
CA GLY C 131 -9.01 -0.11 -21.13
C GLY C 131 -9.12 -0.71 -22.53
N GLU C 132 -10.08 -1.60 -22.73
CA GLU C 132 -10.26 -2.21 -24.05
C GLU C 132 -10.78 -1.18 -25.04
N TYR C 133 -11.78 -0.40 -24.60
CA TYR C 133 -12.34 0.64 -25.44
C TYR C 133 -11.25 1.61 -25.85
N LYS C 134 -10.37 1.95 -24.91
CA LYS C 134 -9.28 2.86 -25.19
C LYS C 134 -8.36 2.27 -26.25
N ASP C 135 -8.04 0.98 -26.12
CA ASP C 135 -7.17 0.33 -27.11
C ASP C 135 -7.77 0.36 -28.51
N ASP C 136 -9.07 0.12 -28.61
CA ASP C 136 -9.75 0.14 -29.89
C ASP C 136 -9.65 1.55 -30.48
N PHE C 137 -9.96 2.54 -29.65
CA PHE C 137 -9.93 3.93 -30.08
C PHE C 137 -8.56 4.29 -30.66
N LYS C 138 -7.50 4.03 -29.91
CA LYS C 138 -6.14 4.33 -30.35
C LYS C 138 -5.81 3.68 -31.68
N ARG C 139 -5.87 2.35 -31.75
CA ARG C 139 -5.56 1.69 -33.00
C ARG C 139 -6.40 2.26 -34.15
N MET C 140 -7.67 2.52 -33.88
CA MET C 140 -8.52 3.08 -34.92
C MET C 140 -8.02 4.45 -35.36
N LEU C 141 -7.47 5.22 -34.43
CA LEU C 141 -6.93 6.54 -34.77
C LEU C 141 -5.68 6.38 -35.62
N GLU C 142 -4.67 5.73 -35.06
CA GLU C 142 -3.42 5.52 -35.77
C GLU C 142 -3.67 4.91 -37.14
N GLU C 143 -4.76 4.15 -37.27
CA GLU C 143 -5.13 3.55 -38.56
C GLU C 143 -5.46 4.66 -39.56
N GLN C 144 -6.00 5.76 -39.05
CA GLN C 144 -6.36 6.90 -39.87
C GLN C 144 -5.25 7.96 -39.83
N GLY C 145 -4.03 7.52 -39.51
CA GLY C 145 -2.90 8.43 -39.45
C GLY C 145 -3.09 9.60 -38.50
N GLU C 146 -4.00 9.44 -37.55
CA GLU C 146 -4.28 10.48 -36.57
C GLU C 146 -3.55 10.22 -35.27
N GLU C 147 -3.20 11.30 -34.57
CA GLU C 147 -2.49 11.17 -33.29
C GLU C 147 -3.44 10.98 -32.12
N TYR C 148 -2.98 10.28 -31.09
CA TYR C 148 -3.78 10.02 -29.91
C TYR C 148 -3.34 10.86 -28.72
N VAL C 149 -4.32 11.45 -28.04
CA VAL C 149 -4.08 12.26 -26.85
C VAL C 149 -4.73 11.53 -25.68
N ASP C 150 -3.97 11.31 -24.63
CA ASP C 150 -4.46 10.59 -23.47
C ASP C 150 -5.85 10.99 -22.99
N GLY C 151 -6.75 10.01 -22.96
CA GLY C 151 -8.11 10.22 -22.50
C GLY C 151 -9.10 10.86 -23.46
N MET C 152 -8.73 10.96 -24.74
CA MET C 152 -9.63 11.58 -25.71
C MET C 152 -10.79 10.67 -26.12
N GLU C 153 -10.65 9.37 -25.83
CA GLU C 153 -11.71 8.43 -26.18
C GLU C 153 -12.98 8.74 -25.39
N TRP C 154 -12.85 9.54 -24.33
CA TRP C 154 -14.00 9.89 -23.50
C TRP C 154 -14.61 11.27 -23.70
N TRP C 155 -14.03 12.09 -24.58
CA TRP C 155 -14.54 13.43 -24.78
C TRP C 155 -15.83 13.47 -25.58
N ASN C 156 -15.95 12.59 -26.56
CA ASN C 156 -17.14 12.58 -27.40
C ASN C 156 -17.79 11.22 -27.53
N PHE C 157 -19.10 11.26 -27.75
CA PHE C 157 -19.87 10.05 -27.94
C PHE C 157 -19.57 9.56 -29.34
N ASN C 158 -19.64 8.25 -29.52
CA ASN C 158 -19.43 7.64 -30.82
C ASN C 158 -20.03 6.24 -30.74
N GLU C 159 -20.37 5.67 -31.88
CA GLU C 159 -20.99 4.36 -31.93
C GLU C 159 -20.14 3.24 -31.37
N GLU C 160 -18.84 3.47 -31.22
CA GLU C 160 -17.95 2.47 -30.66
C GLU C 160 -18.27 2.42 -29.17
N MET C 161 -18.39 3.60 -28.57
CA MET C 161 -18.72 3.74 -27.16
C MET C 161 -20.12 3.16 -26.93
N MET C 162 -21.01 3.42 -27.88
CA MET C 162 -22.39 2.93 -27.82
C MET C 162 -22.37 1.41 -27.77
N ASP C 163 -21.57 0.79 -28.64
CA ASP C 163 -21.47 -0.68 -28.68
C ASP C 163 -20.91 -1.26 -27.39
N TYR C 164 -19.98 -0.57 -26.76
CA TYR C 164 -19.42 -1.06 -25.50
C TYR C 164 -20.48 -0.98 -24.41
N ASN C 165 -21.27 0.08 -24.44
CA ASN C 165 -22.35 0.30 -23.48
C ASN C 165 -23.30 -0.91 -23.51
N VAL C 166 -23.69 -1.32 -24.71
CA VAL C 166 -24.59 -2.46 -24.89
C VAL C 166 -23.91 -3.74 -24.39
N GLN C 167 -22.61 -3.86 -24.67
CA GLN C 167 -21.88 -5.04 -24.20
C GLN C 167 -21.87 -5.08 -22.67
N ASP C 168 -21.65 -3.94 -22.02
CA ASP C 168 -21.62 -3.92 -20.55
C ASP C 168 -22.94 -4.43 -19.96
N VAL C 169 -24.06 -4.05 -20.55
CA VAL C 169 -25.35 -4.50 -20.04
C VAL C 169 -25.54 -5.99 -20.30
N VAL C 170 -25.06 -6.51 -21.44
CA VAL C 170 -25.21 -7.93 -21.70
C VAL C 170 -24.39 -8.75 -20.69
N VAL C 171 -23.15 -8.34 -20.45
CA VAL C 171 -22.29 -9.02 -19.51
C VAL C 171 -22.83 -8.89 -18.07
N THR C 172 -23.30 -7.70 -17.74
CA THR C 172 -23.85 -7.44 -16.40
C THR C 172 -25.07 -8.30 -16.13
N LYS C 173 -25.89 -8.49 -17.15
CA LYS C 173 -27.07 -9.33 -17.03
C LYS C 173 -26.63 -10.77 -16.74
N ALA C 174 -25.63 -11.23 -17.47
CA ALA C 174 -25.10 -12.56 -17.30
C ALA C 174 -24.48 -12.71 -15.89
N LEU C 175 -23.73 -11.70 -15.46
CA LEU C 175 -23.11 -11.73 -14.13
C LEU C 175 -24.23 -11.86 -13.11
N LEU C 176 -25.22 -10.96 -13.20
CA LEU C 176 -26.37 -10.94 -12.30
C LEU C 176 -27.04 -12.31 -12.11
N GLU C 177 -27.42 -12.95 -13.22
CA GLU C 177 -28.08 -14.23 -13.15
C GLU C 177 -27.18 -15.32 -12.58
N LYS C 178 -25.87 -15.16 -12.78
CA LYS C 178 -24.92 -16.11 -12.24
C LYS C 178 -24.90 -15.95 -10.71
N LEU C 179 -24.94 -14.70 -10.25
CA LEU C 179 -24.95 -14.43 -8.81
C LEU C 179 -26.28 -14.89 -8.20
N LEU C 180 -27.37 -14.61 -8.92
CA LEU C 180 -28.70 -15.00 -8.47
C LEU C 180 -28.86 -16.52 -8.38
N SER C 181 -28.04 -17.27 -9.10
CA SER C 181 -28.14 -18.72 -9.08
C SER C 181 -27.50 -19.33 -7.83
N ASP C 182 -26.85 -18.50 -7.01
CA ASP C 182 -26.25 -19.02 -5.78
C ASP C 182 -27.36 -19.22 -4.75
N LYS C 183 -27.82 -20.45 -4.62
CA LYS C 183 -28.91 -20.80 -3.72
C LYS C 183 -28.68 -20.45 -2.25
N HIS C 184 -27.42 -20.33 -1.83
CA HIS C 184 -27.14 -19.98 -0.44
C HIS C 184 -27.61 -18.55 -0.15
N TYR C 185 -27.55 -17.68 -1.14
CA TYR C 185 -27.94 -16.29 -0.97
C TYR C 185 -29.33 -15.98 -1.49
N PHE C 186 -29.78 -16.73 -2.48
CA PHE C 186 -31.09 -16.52 -3.08
C PHE C 186 -31.88 -17.85 -3.19
N PRO C 187 -32.99 -17.98 -2.46
CA PRO C 187 -33.81 -19.20 -2.49
C PRO C 187 -34.16 -19.59 -3.94
N PRO C 188 -33.88 -20.84 -4.33
CA PRO C 188 -34.14 -21.36 -5.68
C PRO C 188 -35.61 -21.31 -6.12
N GLU C 189 -36.53 -21.30 -5.16
CA GLU C 189 -37.96 -21.26 -5.46
C GLU C 189 -38.48 -19.90 -5.92
N ILE C 190 -37.63 -18.88 -5.85
CA ILE C 190 -38.03 -17.54 -6.25
C ILE C 190 -37.23 -17.06 -7.46
N ASP C 191 -37.93 -16.49 -8.44
CA ASP C 191 -37.26 -15.95 -9.62
C ASP C 191 -37.04 -14.49 -9.23
N PHE C 192 -35.82 -14.16 -8.78
CA PHE C 192 -35.53 -12.79 -8.35
C PHE C 192 -35.45 -11.73 -9.43
N THR C 193 -35.60 -12.13 -10.68
CA THR C 193 -35.59 -11.16 -11.78
C THR C 193 -37.06 -10.80 -12.07
N ASP C 194 -37.96 -11.39 -11.31
CA ASP C 194 -39.38 -11.13 -11.53
C ASP C 194 -40.16 -10.75 -10.28
N VAL C 195 -39.52 -9.98 -9.39
CA VAL C 195 -40.17 -9.54 -8.16
C VAL C 195 -39.90 -8.06 -7.89
N GLY C 196 -40.72 -7.46 -7.02
CA GLY C 196 -40.55 -6.06 -6.67
C GLY C 196 -39.39 -5.91 -5.71
N TYR C 197 -38.93 -4.67 -5.49
CA TYR C 197 -37.79 -4.45 -4.61
C TYR C 197 -38.00 -4.96 -3.18
N THR C 198 -39.19 -4.71 -2.65
CA THR C 198 -39.54 -5.13 -1.30
C THR C 198 -39.29 -6.63 -1.12
N THR C 199 -39.73 -7.43 -2.09
CA THR C 199 -39.54 -8.87 -2.06
C THR C 199 -38.06 -9.25 -2.18
N PHE C 200 -37.36 -8.62 -3.13
CA PHE C 200 -35.95 -8.89 -3.35
C PHE C 200 -35.10 -8.83 -2.07
N TRP C 201 -35.27 -7.79 -1.27
CA TRP C 201 -34.49 -7.65 -0.04
C TRP C 201 -34.97 -8.60 1.07
N SER C 202 -36.27 -8.70 1.27
CA SER C 202 -36.81 -9.57 2.31
C SER C 202 -36.61 -11.06 2.07
N GLU C 203 -36.68 -11.51 0.82
CA GLU C 203 -36.53 -12.93 0.51
C GLU C 203 -35.09 -13.41 0.35
N SER C 204 -34.16 -12.51 0.06
CA SER C 204 -32.77 -12.93 -0.11
C SER C 204 -32.09 -12.92 1.25
N LEU C 205 -30.92 -13.55 1.35
CA LEU C 205 -30.18 -13.59 2.61
C LEU C 205 -29.90 -12.18 3.11
N GLU C 206 -29.95 -12.00 4.43
CA GLU C 206 -29.71 -10.72 5.06
C GLU C 206 -28.42 -10.02 4.56
N ALA C 207 -27.36 -10.80 4.36
CA ALA C 207 -26.08 -10.26 3.90
C ALA C 207 -26.25 -9.42 2.63
N VAL C 208 -27.13 -9.87 1.73
CA VAL C 208 -27.38 -9.16 0.48
C VAL C 208 -27.87 -7.73 0.75
N ASP C 209 -28.82 -7.59 1.66
CA ASP C 209 -29.35 -6.28 2.01
C ASP C 209 -28.29 -5.42 2.72
N ILE C 210 -27.58 -6.03 3.67
CA ILE C 210 -26.53 -5.34 4.44
C ILE C 210 -25.40 -4.77 3.56
N GLU C 211 -24.90 -5.57 2.62
CA GLU C 211 -23.83 -5.11 1.74
C GLU C 211 -24.27 -3.95 0.84
N HIS C 212 -25.52 -3.96 0.40
CA HIS C 212 -25.99 -2.86 -0.45
C HIS C 212 -26.13 -1.57 0.35
N ARG C 213 -26.59 -1.68 1.60
CA ARG C 213 -26.72 -0.48 2.42
C ARG C 213 -25.33 0.05 2.74
N ALA C 214 -24.38 -0.85 2.97
CA ALA C 214 -23.03 -0.46 3.27
C ALA C 214 -22.39 0.26 2.07
N ALA C 215 -22.56 -0.30 0.88
CA ALA C 215 -21.98 0.30 -0.32
C ALA C 215 -22.61 1.68 -0.58
N TRP C 216 -23.92 1.79 -0.38
CA TRP C 216 -24.61 3.06 -0.59
C TRP C 216 -24.09 4.13 0.36
N LEU C 217 -23.98 3.78 1.64
CA LEU C 217 -23.48 4.71 2.64
C LEU C 217 -22.00 5.09 2.43
N LEU C 218 -21.16 4.08 2.18
CA LEU C 218 -19.74 4.34 1.97
C LEU C 218 -19.47 5.13 0.69
N ALA C 219 -20.33 4.97 -0.31
CA ALA C 219 -20.18 5.73 -1.55
C ALA C 219 -20.38 7.20 -1.18
N LYS C 220 -21.29 7.44 -0.26
CA LYS C 220 -21.59 8.79 0.22
C LYS C 220 -20.40 9.31 1.01
N GLN C 221 -19.79 8.44 1.82
CA GLN C 221 -18.63 8.81 2.61
C GLN C 221 -17.48 9.24 1.70
N GLU C 222 -17.29 8.52 0.59
CA GLU C 222 -16.23 8.84 -0.36
C GLU C 222 -16.46 10.24 -0.96
N ARG C 223 -17.70 10.53 -1.32
CA ARG C 223 -18.04 11.83 -1.90
C ARG C 223 -17.88 12.97 -0.89
N ASN C 224 -18.12 12.69 0.38
CA ASN C 224 -17.96 13.69 1.43
C ASN C 224 -16.47 14.01 1.50
N GLY C 225 -15.66 12.96 1.63
CA GLY C 225 -14.23 13.12 1.73
C GLY C 225 -13.87 13.48 3.16
N PHE C 226 -12.58 13.55 3.45
CA PHE C 226 -12.11 13.89 4.80
C PHE C 226 -11.38 15.23 4.71
N PRO C 227 -11.92 16.29 5.37
CA PRO C 227 -11.28 17.61 5.33
C PRO C 227 -9.82 17.42 5.73
N PHE C 228 -8.92 18.01 4.96
CA PHE C 228 -7.48 17.86 5.15
C PHE C 228 -6.71 19.19 5.21
N ASP C 229 -5.84 19.33 6.23
CA ASP C 229 -5.04 20.55 6.41
C ASP C 229 -3.80 20.51 5.49
N THR C 230 -4.00 20.93 4.24
CA THR C 230 -2.92 20.95 3.25
C THR C 230 -1.70 21.76 3.70
N LYS C 231 -1.94 23.00 4.08
CA LYS C 231 -0.87 23.89 4.55
C LYS C 231 -0.06 23.23 5.67
N ALA C 232 -0.73 22.60 6.63
CA ALA C 232 -0.02 21.97 7.73
C ALA C 232 0.88 20.83 7.28
N ILE C 233 0.43 20.08 6.29
CA ILE C 233 1.22 18.94 5.81
C ILE C 233 2.40 19.41 4.96
N GLU C 234 2.24 20.53 4.27
CA GLU C 234 3.32 21.08 3.48
C GLU C 234 4.41 21.59 4.44
N GLU C 235 3.99 22.20 5.55
CA GLU C 235 4.95 22.70 6.53
C GLU C 235 5.64 21.52 7.20
N LEU C 236 4.90 20.43 7.39
CA LEU C 236 5.47 19.23 8.00
C LEU C 236 6.51 18.66 7.05
N TYR C 237 6.18 18.68 5.77
CA TYR C 237 7.04 18.18 4.71
C TYR C 237 8.39 18.92 4.72
N VAL C 238 8.33 20.24 4.81
CA VAL C 238 9.53 21.07 4.84
C VAL C 238 10.42 20.70 6.01
N GLU C 239 9.79 20.49 7.17
CA GLU C 239 10.51 20.12 8.38
C GLU C 239 11.13 18.72 8.29
N LEU C 240 10.40 17.78 7.71
CA LEU C 240 10.88 16.41 7.58
C LEU C 240 11.98 16.33 6.54
N ALA C 241 11.85 17.12 5.49
CA ALA C 241 12.84 17.12 4.43
C ALA C 241 14.19 17.66 4.94
N ALA C 242 14.16 18.74 5.71
CA ALA C 242 15.39 19.33 6.24
C ALA C 242 16.06 18.34 7.19
N ARG C 243 15.26 17.68 8.02
CA ARG C 243 15.83 16.71 8.95
C ARG C 243 16.39 15.53 8.14
N ARG C 244 15.73 15.22 7.03
CA ARG C 244 16.19 14.14 6.18
C ARG C 244 17.57 14.54 5.64
N SER C 245 17.67 15.76 5.11
CA SER C 245 18.93 16.25 4.56
C SER C 245 20.06 16.20 5.59
N GLU C 246 19.77 16.69 6.79
CA GLU C 246 20.74 16.73 7.88
C GLU C 246 21.22 15.34 8.29
N LEU C 247 20.30 14.37 8.27
CA LEU C 247 20.64 13.00 8.64
C LEU C 247 21.48 12.39 7.53
N LEU C 248 21.20 12.78 6.29
CA LEU C 248 21.94 12.27 5.14
C LEU C 248 23.35 12.83 5.16
N ARG C 249 23.46 14.12 5.51
CA ARG C 249 24.77 14.75 5.59
C ARG C 249 25.62 14.04 6.64
N LYS C 250 25.03 13.76 7.79
CA LYS C 250 25.76 13.10 8.86
C LYS C 250 26.15 11.67 8.50
N LEU C 251 25.23 10.96 7.85
CA LEU C 251 25.48 9.58 7.47
C LEU C 251 26.46 9.42 6.32
N THR C 252 26.46 10.34 5.38
CA THR C 252 27.40 10.21 4.26
C THR C 252 28.80 10.66 4.67
N GLU C 253 28.93 11.21 5.88
CA GLU C 253 30.24 11.61 6.37
C GLU C 253 30.78 10.43 7.17
N THR C 254 29.88 9.71 7.83
CA THR C 254 30.28 8.56 8.63
C THR C 254 30.54 7.34 7.74
N PHE C 255 29.71 7.16 6.73
CA PHE C 255 29.84 6.03 5.81
C PHE C 255 30.14 6.54 4.41
N GLY C 256 31.42 6.63 4.08
CA GLY C 256 31.84 7.12 2.78
C GLY C 256 31.41 6.30 1.58
N SER C 257 31.47 6.92 0.40
CA SER C 257 31.09 6.26 -0.84
C SER C 257 32.11 5.20 -1.27
N TRP C 258 31.73 4.34 -2.21
CA TRP C 258 32.62 3.29 -2.70
C TRP C 258 32.30 3.00 -4.16
N TYR C 259 33.09 2.13 -4.77
CA TYR C 259 32.88 1.76 -6.16
C TYR C 259 32.32 0.35 -6.28
N GLN C 260 31.50 0.14 -7.30
CA GLN C 260 30.90 -1.16 -7.55
C GLN C 260 30.96 -1.48 -9.03
N PRO C 261 31.21 -2.76 -9.37
CA PRO C 261 31.28 -3.13 -10.79
C PRO C 261 29.94 -2.82 -11.43
N LYS C 262 29.95 -2.38 -12.69
CA LYS C 262 28.72 -2.06 -13.39
C LYS C 262 28.95 -1.81 -14.88
N GLY C 263 28.14 -2.47 -15.71
CA GLY C 263 28.26 -2.31 -17.15
C GLY C 263 29.09 -3.36 -17.84
N GLY C 264 29.70 -4.25 -17.04
CA GLY C 264 30.51 -5.30 -17.62
C GLY C 264 29.66 -6.21 -18.47
N THR C 265 30.12 -6.50 -19.68
CA THR C 265 29.38 -7.37 -20.59
C THR C 265 29.94 -8.78 -20.66
N GLU C 266 31.26 -8.90 -20.78
CA GLU C 266 31.90 -10.20 -20.90
C GLU C 266 32.23 -10.89 -19.58
N MET C 267 32.41 -12.20 -19.65
CA MET C 267 32.73 -13.03 -18.50
C MET C 267 34.25 -13.02 -18.28
N PHE C 268 34.69 -12.86 -17.04
CA PHE C 268 36.12 -12.87 -16.79
C PHE C 268 36.62 -14.31 -16.78
N CYS C 269 37.63 -14.60 -17.59
CA CYS C 269 38.19 -15.94 -17.69
C CYS C 269 39.65 -15.93 -17.25
N HIS C 270 40.06 -16.97 -16.54
CA HIS C 270 41.43 -17.07 -16.08
C HIS C 270 42.33 -16.99 -17.32
N PRO C 271 43.22 -15.98 -17.37
CA PRO C 271 44.16 -15.75 -18.47
C PRO C 271 45.07 -16.90 -18.88
N ARG C 272 45.15 -17.93 -18.04
CA ARG C 272 45.99 -19.08 -18.34
C ARG C 272 45.20 -20.36 -18.60
N THR C 273 44.19 -20.59 -17.76
CA THR C 273 43.35 -21.78 -17.85
C THR C 273 42.18 -21.65 -18.81
N GLY C 274 41.64 -20.44 -18.96
CA GLY C 274 40.50 -20.24 -19.83
C GLY C 274 39.25 -20.47 -19.01
N LYS C 275 39.46 -21.01 -17.81
CA LYS C 275 38.40 -21.31 -16.86
C LYS C 275 37.48 -20.13 -16.58
N PRO C 276 36.21 -20.21 -17.01
CA PRO C 276 35.27 -19.11 -16.77
C PRO C 276 35.19 -18.83 -15.27
N LEU C 277 35.16 -17.55 -14.92
CA LEU C 277 35.09 -17.17 -13.52
C LEU C 277 33.80 -16.37 -13.30
N PRO C 278 32.68 -17.07 -13.06
CA PRO C 278 31.35 -16.50 -12.83
C PRO C 278 31.27 -15.51 -11.67
N LYS C 279 31.93 -15.84 -10.56
CA LYS C 279 31.92 -14.99 -9.37
C LYS C 279 32.55 -13.62 -9.59
N TYR C 280 33.67 -13.56 -10.31
CA TYR C 280 34.34 -12.30 -10.58
C TYR C 280 33.43 -11.33 -11.33
N PRO C 281 33.60 -10.03 -11.08
CA PRO C 281 32.79 -9.00 -11.75
C PRO C 281 32.96 -9.12 -13.26
N ARG C 282 31.93 -8.79 -14.02
CA ARG C 282 32.01 -8.87 -15.47
C ARG C 282 32.88 -7.77 -16.06
N ILE C 283 33.73 -8.13 -17.00
CA ILE C 283 34.63 -7.16 -17.61
C ILE C 283 34.21 -6.74 -19.01
N LYS C 284 35.00 -5.87 -19.60
CA LYS C 284 34.77 -5.37 -20.94
C LYS C 284 36.14 -5.37 -21.61
N THR C 285 36.22 -5.90 -22.83
CA THR C 285 37.48 -5.94 -23.54
C THR C 285 37.46 -4.98 -24.73
N PRO C 286 38.16 -3.85 -24.61
CA PRO C 286 38.19 -2.87 -25.70
C PRO C 286 38.68 -3.47 -27.01
N LYS C 287 38.02 -3.09 -28.09
CA LYS C 287 38.38 -3.59 -29.41
C LYS C 287 39.33 -2.63 -30.12
N VAL C 288 39.21 -1.34 -29.79
CA VAL C 288 40.06 -0.32 -30.39
C VAL C 288 40.96 0.34 -29.33
N GLY C 289 42.12 0.82 -29.77
CA GLY C 289 43.03 1.47 -28.86
C GLY C 289 44.46 0.95 -28.89
N GLY C 290 45.41 1.85 -28.71
CA GLY C 290 46.81 1.47 -28.71
C GLY C 290 47.68 2.52 -28.05
N ILE C 291 48.97 2.23 -27.94
CA ILE C 291 49.91 3.15 -27.34
C ILE C 291 50.36 4.20 -28.36
N LEU C 309 51.00 9.64 -30.98
CA LEU C 309 50.62 8.97 -29.70
C LEU C 309 49.10 8.96 -29.52
N ASP C 310 48.55 7.77 -29.30
CA ASP C 310 47.11 7.59 -29.11
C ASP C 310 46.67 8.09 -27.74
N THR C 311 45.98 9.23 -27.73
CA THR C 311 45.52 9.85 -26.49
C THR C 311 44.40 9.08 -25.78
N ARG C 312 43.69 8.22 -26.50
CA ARG C 312 42.61 7.43 -25.90
C ARG C 312 43.14 6.66 -24.68
N GLU C 313 42.24 6.28 -23.78
CA GLU C 313 42.67 5.56 -22.59
C GLU C 313 42.46 4.05 -22.61
N TYR C 314 42.11 3.49 -23.77
CA TYR C 314 41.89 2.05 -23.87
C TYR C 314 42.89 1.40 -24.83
N VAL C 315 43.10 0.10 -24.65
CA VAL C 315 44.02 -0.67 -25.49
C VAL C 315 43.37 -2.00 -25.87
N ALA C 316 43.12 -2.18 -27.16
CA ALA C 316 42.49 -3.39 -27.68
C ALA C 316 43.06 -4.65 -27.04
N GLY C 317 42.19 -5.48 -26.48
CA GLY C 317 42.64 -6.71 -25.86
C GLY C 317 43.01 -6.57 -24.38
N ALA C 318 43.08 -5.32 -23.90
CA ALA C 318 43.42 -5.08 -22.50
C ALA C 318 42.12 -4.89 -21.71
N PRO C 319 41.67 -5.96 -21.03
CA PRO C 319 40.43 -5.98 -20.24
C PRO C 319 40.44 -5.18 -18.93
N TYR C 320 39.31 -4.55 -18.64
CA TYR C 320 39.14 -3.76 -17.43
C TYR C 320 37.74 -3.99 -16.90
N THR C 321 37.53 -3.70 -15.62
CA THR C 321 36.21 -3.86 -15.01
C THR C 321 35.49 -2.53 -14.92
N PRO C 322 34.41 -2.36 -15.69
CA PRO C 322 33.67 -1.10 -15.62
C PRO C 322 33.08 -1.01 -14.21
N VAL C 323 33.08 0.18 -13.61
CA VAL C 323 32.55 0.34 -12.26
C VAL C 323 31.75 1.63 -12.12
N GLU C 324 31.07 1.78 -11.00
CA GLU C 324 30.28 2.98 -10.75
C GLU C 324 30.53 3.47 -9.32
N HIS C 325 30.39 4.78 -9.12
CA HIS C 325 30.59 5.37 -7.82
C HIS C 325 29.22 5.39 -7.11
N VAL C 326 29.17 4.87 -5.89
CA VAL C 326 27.90 4.84 -5.17
C VAL C 326 27.97 5.49 -3.79
N VAL C 327 27.06 6.42 -3.55
CA VAL C 327 26.97 7.13 -2.27
C VAL C 327 26.08 6.37 -1.31
N PHE C 328 26.45 6.37 -0.02
CA PHE C 328 25.66 5.68 0.98
C PHE C 328 24.22 6.17 0.95
N ASN C 329 23.28 5.26 0.68
CA ASN C 329 21.86 5.60 0.66
C ASN C 329 21.25 4.96 1.89
N PRO C 330 20.88 5.78 2.89
CA PRO C 330 20.29 5.26 4.12
C PRO C 330 18.98 4.46 3.90
N SER C 331 18.33 4.66 2.76
CA SER C 331 17.09 3.96 2.45
C SER C 331 17.38 2.56 1.93
N SER C 332 18.65 2.31 1.59
CA SER C 332 19.04 1.01 1.07
C SER C 332 19.43 0.05 2.17
N ARG C 333 18.70 -1.06 2.26
CA ARG C 333 18.99 -2.08 3.26
C ARG C 333 20.30 -2.75 2.88
N ASP C 334 20.60 -2.81 1.59
CA ASP C 334 21.84 -3.42 1.12
C ASP C 334 23.03 -2.58 1.60
N HIS C 335 22.93 -1.26 1.47
CA HIS C 335 24.00 -0.37 1.90
C HIS C 335 24.18 -0.44 3.42
N ILE C 336 23.07 -0.46 4.13
CA ILE C 336 23.12 -0.53 5.59
C ILE C 336 23.86 -1.80 5.99
N GLN C 337 23.44 -2.91 5.40
CA GLN C 337 24.04 -4.20 5.70
C GLN C 337 25.54 -4.26 5.34
N LYS C 338 25.92 -3.63 4.24
CA LYS C 338 27.31 -3.63 3.83
C LYS C 338 28.23 -2.89 4.80
N LYS C 339 27.79 -1.72 5.26
CA LYS C 339 28.60 -0.93 6.19
C LYS C 339 28.66 -1.49 7.61
N LEU C 340 27.57 -2.08 8.07
CA LEU C 340 27.55 -2.62 9.42
C LEU C 340 28.37 -3.90 9.58
N GLN C 341 28.41 -4.74 8.56
CA GLN C 341 29.20 -5.97 8.68
C GLN C 341 30.65 -5.56 8.64
N GLU C 342 30.94 -4.58 7.80
CA GLU C 342 32.30 -4.07 7.67
C GLU C 342 32.73 -3.56 9.02
N ALA C 343 31.78 -3.02 9.78
CA ALA C 343 32.07 -2.50 11.11
C ALA C 343 32.08 -3.60 12.14
N GLY C 344 32.03 -4.85 11.67
CA GLY C 344 32.06 -5.98 12.58
C GLY C 344 30.74 -6.61 12.97
N TRP C 345 29.66 -6.28 12.27
CA TRP C 345 28.38 -6.88 12.60
C TRP C 345 28.21 -8.22 11.93
N VAL C 346 27.85 -9.23 12.72
CA VAL C 346 27.64 -10.56 12.18
C VAL C 346 26.16 -10.91 12.35
N PRO C 347 25.37 -10.79 11.27
CA PRO C 347 23.94 -11.08 11.27
C PRO C 347 23.60 -12.43 11.89
N THR C 348 22.39 -12.53 12.44
CA THR C 348 21.92 -13.74 13.08
C THR C 348 20.73 -14.33 12.31
N LYS C 349 19.92 -13.45 11.73
CA LYS C 349 18.76 -13.90 10.98
C LYS C 349 18.77 -13.40 9.54
N TYR C 350 18.59 -14.33 8.62
CA TYR C 350 18.59 -14.01 7.20
C TYR C 350 17.22 -14.25 6.57
N THR C 351 17.02 -13.66 5.40
CA THR C 351 15.77 -13.80 4.66
C THR C 351 15.83 -15.12 3.89
N ASP C 352 14.69 -15.78 3.76
CA ASP C 352 14.63 -17.05 3.03
C ASP C 352 14.88 -16.79 1.54
N LYS C 353 16.01 -16.16 1.24
CA LYS C 353 16.39 -15.83 -0.13
C LYS C 353 17.84 -15.33 -0.18
N GLY C 354 18.63 -15.72 0.81
CA GLY C 354 20.02 -15.31 0.86
C GLY C 354 20.22 -13.81 1.02
N ALA C 355 19.94 -13.31 2.22
CA ALA C 355 20.07 -11.90 2.52
C ALA C 355 19.82 -11.66 4.01
N PRO C 356 20.71 -10.91 4.67
CA PRO C 356 20.58 -10.62 6.09
C PRO C 356 19.43 -9.69 6.42
N VAL C 357 18.56 -10.12 7.32
CA VAL C 357 17.42 -9.30 7.72
C VAL C 357 17.93 -7.99 8.28
N VAL C 358 17.39 -6.89 7.78
CA VAL C 358 17.78 -5.57 8.25
C VAL C 358 16.58 -4.70 8.60
N ASP C 359 15.80 -5.13 9.59
CA ASP C 359 14.65 -4.33 9.99
C ASP C 359 14.96 -3.62 11.31
N ASP C 360 14.10 -2.67 11.65
CA ASP C 360 14.26 -1.87 12.86
C ASP C 360 14.59 -2.72 14.10
N GLU C 361 13.97 -3.89 14.20
CA GLU C 361 14.19 -4.77 15.35
C GLU C 361 15.61 -5.29 15.45
N VAL C 362 16.22 -5.65 14.33
CA VAL C 362 17.59 -6.15 14.37
C VAL C 362 18.55 -4.99 14.50
N LEU C 363 18.21 -3.86 13.88
CA LEU C 363 19.04 -2.66 13.94
C LEU C 363 19.16 -2.25 15.40
N GLU C 364 18.07 -2.35 16.14
CA GLU C 364 18.07 -2.00 17.55
C GLU C 364 19.04 -2.88 18.34
N GLY C 365 19.28 -4.09 17.85
CA GLY C 365 20.17 -4.99 18.56
C GLY C 365 21.60 -5.08 18.06
N VAL C 366 21.90 -4.40 16.95
CA VAL C 366 23.24 -4.43 16.38
C VAL C 366 24.27 -3.68 17.22
N ARG C 367 25.36 -4.36 17.56
CA ARG C 367 26.43 -3.76 18.35
C ARG C 367 27.75 -3.81 17.58
N VAL C 368 28.47 -2.68 17.57
CA VAL C 368 29.76 -2.60 16.89
C VAL C 368 30.72 -1.84 17.80
N ASP C 369 32.01 -1.94 17.54
CA ASP C 369 33.02 -1.28 18.35
C ASP C 369 33.10 0.23 18.19
N ASP C 370 33.18 0.70 16.95
CA ASP C 370 33.26 2.13 16.72
C ASP C 370 32.03 2.83 17.29
N PRO C 371 32.23 3.77 18.23
CA PRO C 371 31.12 4.50 18.85
C PRO C 371 30.37 5.41 17.89
N GLU C 372 31.08 5.94 16.89
CA GLU C 372 30.44 6.82 15.92
C GLU C 372 29.49 6.05 15.01
N LYS C 373 29.92 4.86 14.58
CA LYS C 373 29.12 4.02 13.71
C LYS C 373 27.96 3.43 14.49
N GLN C 374 28.22 3.13 15.77
CA GLN C 374 27.20 2.58 16.64
C GLN C 374 26.09 3.62 16.81
N ALA C 375 26.50 4.88 16.95
CA ALA C 375 25.54 5.98 17.11
C ALA C 375 24.83 6.27 15.79
N ALA C 376 25.50 5.97 14.69
CA ALA C 376 24.94 6.20 13.37
C ALA C 376 23.77 5.25 13.12
N ILE C 377 23.73 4.15 13.86
CA ILE C 377 22.64 3.18 13.70
C ILE C 377 21.34 3.88 14.06
N ASP C 378 21.37 4.68 15.12
CA ASP C 378 20.19 5.41 15.54
C ASP C 378 19.77 6.43 14.49
N LEU C 379 20.74 7.05 13.82
CA LEU C 379 20.44 8.02 12.78
C LEU C 379 19.82 7.33 11.59
N ILE C 380 20.23 6.10 11.35
CA ILE C 380 19.69 5.33 10.24
C ILE C 380 18.21 5.01 10.53
N LYS C 381 17.90 4.64 11.76
CA LYS C 381 16.54 4.31 12.15
C LYS C 381 15.66 5.55 12.08
N GLU C 382 16.20 6.69 12.51
CA GLU C 382 15.45 7.94 12.47
C GLU C 382 15.23 8.30 11.00
N TYR C 383 16.24 8.09 10.17
CA TYR C 383 16.12 8.41 8.75
C TYR C 383 15.08 7.54 8.03
N LEU C 384 15.08 6.24 8.29
CA LEU C 384 14.11 5.35 7.65
C LEU C 384 12.69 5.78 7.99
N MET C 385 12.48 6.10 9.26
CA MET C 385 11.18 6.52 9.75
C MET C 385 10.74 7.84 9.12
N ILE C 386 11.64 8.81 9.04
CA ILE C 386 11.34 10.11 8.45
C ILE C 386 10.93 9.91 6.99
N GLN C 387 11.54 8.91 6.35
CA GLN C 387 11.23 8.61 4.96
C GLN C 387 9.85 7.97 4.85
N LYS C 388 9.48 7.20 5.86
CA LYS C 388 8.17 6.56 5.86
C LYS C 388 7.09 7.65 5.89
N ARG C 389 7.31 8.68 6.70
CA ARG C 389 6.36 9.79 6.80
C ARG C 389 6.34 10.68 5.58
N ILE C 390 7.51 10.95 5.02
CA ILE C 390 7.59 11.78 3.84
C ILE C 390 6.90 11.06 2.69
N GLY C 391 7.22 9.78 2.55
CA GLY C 391 6.62 8.98 1.48
C GLY C 391 5.12 8.95 1.56
N GLN C 392 4.58 8.69 2.74
CA GLN C 392 3.14 8.64 2.92
C GLN C 392 2.44 9.99 2.84
N SER C 393 3.07 11.02 3.39
CA SER C 393 2.48 12.34 3.39
C SER C 393 2.70 13.19 2.15
N ALA C 394 3.87 13.05 1.52
CA ALA C 394 4.16 13.90 0.38
C ALA C 394 4.77 13.35 -0.90
N GLU C 395 5.74 12.44 -0.80
CA GLU C 395 6.40 11.96 -2.00
C GLU C 395 5.89 10.70 -2.67
N GLY C 396 5.33 9.77 -1.91
CA GLY C 396 4.82 8.54 -2.49
C GLY C 396 3.80 8.81 -3.58
N ASP C 397 3.52 7.80 -4.41
CA ASP C 397 2.53 7.94 -5.47
C ASP C 397 1.12 8.14 -4.88
N LYS C 398 0.91 7.58 -3.69
CA LYS C 398 -0.36 7.66 -2.99
C LYS C 398 -0.32 8.71 -1.87
N ALA C 399 0.63 9.63 -1.96
CA ALA C 399 0.78 10.67 -0.95
C ALA C 399 -0.46 11.54 -0.77
N TRP C 400 -0.71 11.93 0.47
CA TRP C 400 -1.86 12.78 0.81
C TRP C 400 -1.88 14.07 -0.01
N LEU C 401 -0.73 14.73 -0.11
CA LEU C 401 -0.63 15.98 -0.85
C LEU C 401 -0.95 15.80 -2.32
N ARG C 402 -0.84 14.57 -2.80
CA ARG C 402 -1.13 14.26 -4.19
C ARG C 402 -2.62 13.97 -4.35
N TYR C 403 -3.28 13.66 -3.24
CA TYR C 403 -4.70 13.33 -3.31
C TYR C 403 -5.69 14.41 -2.89
N VAL C 404 -5.24 15.42 -2.15
CA VAL C 404 -6.18 16.47 -1.73
C VAL C 404 -6.82 17.10 -2.96
N ALA C 405 -8.15 17.17 -2.96
CA ALA C 405 -8.89 17.73 -4.08
C ALA C 405 -9.11 19.23 -3.92
N GLU C 406 -9.76 19.85 -4.90
CA GLU C 406 -10.03 21.28 -4.86
C GLU C 406 -10.91 21.68 -3.68
N ASP C 407 -11.83 20.80 -3.29
CA ASP C 407 -12.72 21.08 -2.16
C ASP C 407 -12.00 21.03 -0.81
N GLY C 408 -10.68 20.87 -0.84
CA GLY C 408 -9.92 20.81 0.40
C GLY C 408 -10.06 19.51 1.18
N LYS C 409 -10.48 18.44 0.50
CA LYS C 409 -10.65 17.17 1.17
C LYS C 409 -9.98 16.03 0.40
N ILE C 410 -9.72 14.94 1.12
CA ILE C 410 -9.14 13.74 0.53
C ILE C 410 -10.29 12.75 0.45
N HIS C 411 -10.59 12.31 -0.77
CA HIS C 411 -11.66 11.37 -1.02
C HIS C 411 -11.11 9.95 -1.22
N GLY C 412 -10.70 9.32 -0.12
CA GLY C 412 -10.15 7.98 -0.20
C GLY C 412 -11.21 6.97 -0.59
N SER C 413 -10.81 5.97 -1.36
CA SER C 413 -11.74 4.95 -1.81
C SER C 413 -11.88 3.83 -0.77
N VAL C 414 -13.03 3.17 -0.78
CA VAL C 414 -13.29 2.09 0.16
C VAL C 414 -13.97 0.91 -0.55
N ASN C 415 -13.41 -0.28 -0.37
CA ASN C 415 -14.00 -1.49 -0.93
C ASN C 415 -14.71 -2.02 0.31
N PRO C 416 -16.03 -1.76 0.43
CA PRO C 416 -16.85 -2.19 1.58
C PRO C 416 -16.69 -3.63 2.04
N ASN C 417 -16.30 -4.50 1.12
CA ASN C 417 -16.15 -5.91 1.45
C ASN C 417 -14.86 -6.48 0.85
N GLY C 418 -13.80 -5.69 0.89
CA GLY C 418 -12.53 -6.12 0.33
C GLY C 418 -11.80 -7.24 1.04
N ALA C 419 -12.05 -7.44 2.33
CA ALA C 419 -11.39 -8.51 3.06
C ALA C 419 -12.28 -9.74 3.11
N VAL C 420 -11.68 -10.91 3.07
CA VAL C 420 -12.40 -12.17 3.12
C VAL C 420 -13.35 -12.28 4.31
N THR C 421 -12.93 -11.76 5.46
CA THR C 421 -13.72 -11.81 6.69
C THR C 421 -14.97 -10.92 6.68
N GLY C 422 -15.05 -10.02 5.73
CA GLY C 422 -16.19 -9.13 5.66
C GLY C 422 -15.78 -7.71 5.97
N ARG C 423 -14.53 -7.55 6.40
CA ARG C 423 -14.01 -6.23 6.69
C ARG C 423 -13.86 -5.51 5.35
N ALA C 424 -13.80 -4.19 5.40
CA ALA C 424 -13.62 -3.40 4.19
C ALA C 424 -12.13 -3.09 4.02
N THR C 425 -11.76 -2.64 2.82
CA THR C 425 -10.38 -2.27 2.53
C THR C 425 -10.40 -0.80 2.11
N HIS C 426 -9.27 -0.12 2.30
CA HIS C 426 -9.17 1.29 1.99
C HIS C 426 -7.92 1.59 1.17
N ALA C 427 -8.07 2.44 0.15
CA ALA C 427 -6.95 2.81 -0.71
C ALA C 427 -7.17 4.12 -1.45
N PHE C 428 -6.10 4.63 -2.06
CA PHE C 428 -6.11 5.86 -2.84
C PHE C 428 -6.51 7.16 -2.17
N PRO C 429 -5.89 7.49 -1.03
CA PRO C 429 -4.85 6.73 -0.35
C PRO C 429 -5.57 5.90 0.72
N ASN C 430 -4.84 5.04 1.43
CA ASN C 430 -5.42 4.22 2.48
C ASN C 430 -5.58 5.04 3.77
N LEU C 431 -6.80 5.48 4.06
CA LEU C 431 -7.07 6.27 5.26
C LEU C 431 -7.18 5.44 6.53
N ALA C 432 -6.97 4.13 6.41
CA ALA C 432 -7.01 3.23 7.54
C ALA C 432 -5.60 2.90 8.00
N GLN C 433 -4.61 3.64 7.49
CA GLN C 433 -3.22 3.41 7.87
C GLN C 433 -2.46 4.72 8.19
N ILE C 434 -3.19 5.75 8.59
CA ILE C 434 -2.57 7.03 8.95
C ILE C 434 -1.84 6.80 10.27
N PRO C 435 -0.60 7.32 10.39
CA PRO C 435 0.17 7.14 11.62
C PRO C 435 -0.61 7.50 12.89
N GLY C 436 -0.52 6.64 13.89
CA GLY C 436 -1.22 6.88 15.15
C GLY C 436 -0.62 8.02 15.95
N VAL C 437 -1.41 8.62 16.84
CA VAL C 437 -0.91 9.73 17.64
C VAL C 437 0.28 9.37 18.52
N ARG C 438 0.37 8.10 18.92
CA ARG C 438 1.47 7.67 19.78
C ARG C 438 2.78 7.44 19.04
N SER C 439 2.75 7.40 17.72
CA SER C 439 3.97 7.19 16.94
C SER C 439 4.54 8.55 16.53
N PRO C 440 5.85 8.61 16.18
CA PRO C 440 6.54 9.84 15.77
C PRO C 440 5.82 10.62 14.67
N TYR C 441 5.51 11.88 14.95
CA TYR C 441 4.83 12.78 14.00
C TYR C 441 3.36 12.43 13.80
N GLY C 442 2.88 11.42 14.53
CA GLY C 442 1.49 11.02 14.40
C GLY C 442 0.50 12.12 14.76
N GLU C 443 0.84 12.93 15.75
CA GLU C 443 -0.04 14.01 16.18
C GLU C 443 -0.25 15.03 15.08
N GLN C 444 0.79 15.33 14.32
CA GLN C 444 0.68 16.28 13.23
C GLN C 444 -0.09 15.63 12.07
N CYS C 445 0.23 14.39 11.76
CA CYS C 445 -0.44 13.67 10.69
C CYS C 445 -1.94 13.58 10.99
N ARG C 446 -2.24 13.02 12.15
CA ARG C 446 -3.60 12.81 12.61
C ARG C 446 -4.39 14.12 12.70
N ALA C 447 -3.76 15.18 13.18
CA ALA C 447 -4.41 16.48 13.32
C ALA C 447 -4.78 17.12 11.97
N ALA C 448 -4.06 16.74 10.92
CA ALA C 448 -4.30 17.27 9.58
C ALA C 448 -5.63 16.78 9.00
N PHE C 449 -6.10 15.63 9.50
CA PHE C 449 -7.37 15.08 9.06
C PHE C 449 -8.42 15.47 10.09
N GLY C 450 -9.24 16.47 9.78
CA GLY C 450 -10.24 16.89 10.74
C GLY C 450 -11.39 17.74 10.25
N ALA C 451 -12.52 17.62 10.96
CA ALA C 451 -13.74 18.37 10.66
C ALA C 451 -13.46 19.87 10.73
N GLU C 452 -12.58 20.26 11.64
CA GLU C 452 -12.23 21.66 11.81
C GLU C 452 -11.68 22.28 10.53
N HIS C 453 -11.15 21.44 9.64
CA HIS C 453 -10.57 21.93 8.39
C HIS C 453 -11.61 22.19 7.30
N HIS C 454 -12.88 21.96 7.63
CA HIS C 454 -13.98 22.22 6.71
C HIS C 454 -14.75 23.42 7.26
N LEU C 455 -14.90 24.47 6.45
CA LEU C 455 -15.61 25.67 6.85
C LEU C 455 -17.04 25.56 6.31
N ASP C 456 -18.03 25.70 7.18
CA ASP C 456 -19.42 25.59 6.76
C ASP C 456 -19.71 26.47 5.54
N GLY C 457 -20.39 25.87 4.56
CA GLY C 457 -20.71 26.58 3.32
C GLY C 457 -21.55 27.84 3.48
N ILE C 458 -22.24 27.98 4.60
CA ILE C 458 -23.05 29.16 4.84
C ILE C 458 -22.40 30.13 5.82
N THR C 459 -22.07 29.65 7.02
CA THR C 459 -21.49 30.50 8.05
C THR C 459 -19.97 30.63 8.04
N GLY C 460 -19.30 29.79 7.27
CA GLY C 460 -17.84 29.85 7.23
C GLY C 460 -17.20 29.32 8.51
N LYS C 461 -18.00 28.85 9.47
CA LYS C 461 -17.44 28.34 10.73
C LYS C 461 -16.99 26.88 10.61
N PRO C 462 -15.87 26.54 11.25
CA PRO C 462 -15.40 25.14 11.18
C PRO C 462 -16.37 24.15 11.79
N TRP C 463 -16.39 22.93 11.24
CA TRP C 463 -17.26 21.90 11.76
C TRP C 463 -16.52 21.23 12.92
N VAL C 464 -17.23 20.36 13.63
CA VAL C 464 -16.66 19.64 14.76
C VAL C 464 -16.71 18.15 14.47
N GLN C 465 -15.80 17.40 15.10
CA GLN C 465 -15.68 15.97 14.87
C GLN C 465 -16.15 15.08 16.02
N ALA C 466 -16.85 14.01 15.64
CA ALA C 466 -17.35 13.02 16.58
C ALA C 466 -16.68 11.68 16.20
N GLY C 467 -15.86 11.16 17.11
CA GLY C 467 -15.19 9.90 16.83
C GLY C 467 -15.75 8.83 17.75
N ILE C 468 -16.24 7.73 17.17
CA ILE C 468 -16.79 6.64 17.97
C ILE C 468 -16.10 5.32 17.62
N ASP C 469 -15.71 4.58 18.65
CA ASP C 469 -15.01 3.30 18.48
C ASP C 469 -15.70 2.20 19.28
N ALA C 470 -15.86 1.02 18.67
CA ALA C 470 -16.49 -0.09 19.37
C ALA C 470 -15.50 -0.48 20.47
N SER C 471 -15.99 -0.75 21.67
CA SER C 471 -15.12 -1.09 22.79
C SER C 471 -14.82 -2.57 22.92
N GLY C 472 -13.53 -2.92 23.02
CA GLY C 472 -13.12 -4.30 23.14
C GLY C 472 -13.88 -5.24 22.22
N LEU C 473 -14.17 -4.74 21.02
CA LEU C 473 -14.96 -5.49 20.03
C LEU C 473 -14.70 -7.00 19.88
N GLU C 474 -13.51 -7.39 19.44
CA GLU C 474 -13.26 -8.81 19.23
C GLU C 474 -13.13 -9.64 20.50
N LEU C 475 -12.87 -9.01 21.65
CA LEU C 475 -12.79 -9.75 22.89
C LEU C 475 -14.24 -10.07 23.29
N ARG C 476 -15.16 -9.18 22.95
CA ARG C 476 -16.57 -9.36 23.24
C ARG C 476 -17.19 -10.37 22.28
N CYS C 477 -16.63 -10.45 21.06
CA CYS C 477 -17.12 -11.41 20.08
C CYS C 477 -16.68 -12.78 20.60
N LEU C 478 -15.49 -12.82 21.19
CA LEU C 478 -14.96 -14.05 21.75
C LEU C 478 -15.84 -14.50 22.91
N ALA C 479 -16.24 -13.55 23.76
CA ALA C 479 -17.07 -13.85 24.90
C ALA C 479 -18.41 -14.41 24.40
N HIS C 480 -18.91 -13.82 23.32
CA HIS C 480 -20.17 -14.26 22.74
C HIS C 480 -20.10 -15.71 22.30
N PHE C 481 -19.05 -16.05 21.57
CA PHE C 481 -18.91 -17.41 21.06
C PHE C 481 -18.55 -18.47 22.10
N MET C 482 -17.96 -18.08 23.21
CA MET C 482 -17.63 -19.07 24.23
C MET C 482 -18.76 -19.18 25.25
N ALA C 483 -19.78 -18.34 25.12
CA ALA C 483 -20.92 -18.34 26.03
C ALA C 483 -21.60 -19.71 26.15
N ARG C 484 -21.58 -20.50 25.09
CA ARG C 484 -22.22 -21.81 25.18
C ARG C 484 -21.33 -22.85 25.84
N PHE C 485 -20.10 -22.45 26.16
CA PHE C 485 -19.13 -23.33 26.81
C PHE C 485 -18.93 -22.90 28.27
N ASP C 486 -19.04 -21.60 28.53
CA ASP C 486 -18.87 -21.07 29.88
C ASP C 486 -20.11 -20.35 30.41
N ASN C 487 -21.23 -20.56 29.73
CA ASN C 487 -22.51 -19.96 30.12
C ASN C 487 -22.50 -18.45 30.33
N GLY C 488 -21.55 -17.76 29.72
CA GLY C 488 -21.49 -16.32 29.86
C GLY C 488 -20.52 -15.77 30.89
N GLU C 489 -19.73 -16.64 31.50
CA GLU C 489 -18.77 -16.18 32.51
C GLU C 489 -17.86 -15.09 31.96
N TYR C 490 -17.27 -15.35 30.81
CA TYR C 490 -16.37 -14.38 30.17
C TYR C 490 -17.07 -13.06 29.84
N ALA C 491 -18.22 -13.15 29.15
CA ALA C 491 -18.96 -11.94 28.78
C ALA C 491 -19.24 -11.12 30.03
N HIS C 492 -19.56 -11.81 31.13
CA HIS C 492 -19.83 -11.11 32.38
C HIS C 492 -18.56 -10.49 32.96
N GLU C 493 -17.48 -11.26 32.95
CA GLU C 493 -16.21 -10.76 33.48
C GLU C 493 -15.73 -9.54 32.70
N ILE C 494 -16.06 -9.48 31.42
CA ILE C 494 -15.65 -8.37 30.57
C ILE C 494 -16.26 -7.02 30.98
N LEU C 495 -17.58 -6.97 31.17
CA LEU C 495 -18.19 -5.70 31.55
C LEU C 495 -17.90 -5.29 33.00
N ASN C 496 -16.72 -5.71 33.49
CA ASN C 496 -16.27 -5.38 34.85
C ASN C 496 -14.99 -4.53 34.73
N GLY C 497 -15.12 -3.36 34.13
CA GLY C 497 -13.99 -2.48 33.93
C GLY C 497 -13.48 -2.66 32.51
N ASP C 498 -12.38 -2.01 32.15
CA ASP C 498 -11.85 -2.16 30.79
C ASP C 498 -10.95 -3.39 30.69
N ILE C 499 -11.38 -4.36 29.90
CA ILE C 499 -10.64 -5.60 29.70
C ILE C 499 -9.18 -5.37 29.31
N HIS C 500 -8.94 -4.46 28.36
CA HIS C 500 -7.58 -4.18 27.91
C HIS C 500 -6.70 -3.60 29.01
N THR C 501 -7.30 -2.77 29.86
CA THR C 501 -6.56 -2.17 30.97
C THR C 501 -6.33 -3.28 32.00
N LYS C 502 -7.34 -4.13 32.16
CA LYS C 502 -7.30 -5.25 33.08
C LYS C 502 -6.26 -6.26 32.60
N ASN C 503 -6.02 -6.28 31.29
CA ASN C 503 -5.03 -7.19 30.68
C ASN C 503 -3.63 -6.63 30.94
N GLN C 504 -3.42 -5.39 30.53
CA GLN C 504 -2.14 -4.70 30.68
C GLN C 504 -1.56 -4.90 32.07
N ILE C 505 -2.40 -4.76 33.08
CA ILE C 505 -1.99 -4.94 34.47
C ILE C 505 -1.41 -6.33 34.67
N ALA C 506 -2.24 -7.35 34.46
CA ALA C 506 -1.80 -8.73 34.61
C ALA C 506 -0.53 -8.95 33.79
N ALA C 507 -0.67 -8.91 32.47
CA ALA C 507 0.46 -9.11 31.56
C ALA C 507 1.64 -8.20 31.94
N GLU C 508 1.39 -7.28 32.86
CA GLU C 508 2.43 -6.35 33.31
C GLU C 508 3.00 -5.65 32.07
N LEU C 509 2.10 -5.34 31.13
CA LEU C 509 2.46 -4.69 29.87
C LEU C 509 2.65 -3.18 30.03
N PRO C 510 3.45 -2.55 29.13
CA PRO C 510 3.72 -1.12 29.14
C PRO C 510 2.52 -0.22 28.81
N THR C 511 1.95 -0.41 27.61
CA THR C 511 0.81 0.41 27.18
C THR C 511 -0.47 -0.42 27.04
N ARG C 512 -1.59 0.28 26.90
CA ARG C 512 -2.88 -0.38 26.74
C ARG C 512 -2.97 -0.91 25.30
N ASP C 513 -2.15 -0.34 24.42
CA ASP C 513 -2.11 -0.79 23.03
C ASP C 513 -1.29 -2.08 22.94
N ASN C 514 -0.22 -2.13 23.73
CA ASN C 514 0.64 -3.31 23.77
C ASN C 514 -0.16 -4.46 24.36
N ALA C 515 -1.11 -4.15 25.23
CA ALA C 515 -1.96 -5.16 25.86
C ALA C 515 -2.99 -5.68 24.87
N LYS C 516 -3.40 -4.81 23.95
CA LYS C 516 -4.37 -5.17 22.92
C LYS C 516 -3.70 -6.06 21.88
N THR C 517 -2.55 -5.60 21.38
CA THR C 517 -1.78 -6.35 20.39
C THR C 517 -1.37 -7.71 20.97
N PHE C 518 -1.20 -7.76 22.29
CA PHE C 518 -0.84 -9.01 22.97
C PHE C 518 -2.01 -9.99 22.98
N ILE C 519 -3.11 -9.55 23.57
CA ILE C 519 -4.31 -10.37 23.70
C ILE C 519 -4.79 -10.88 22.35
N TYR C 520 -4.66 -10.07 21.31
CA TYR C 520 -5.12 -10.50 20.00
C TYR C 520 -4.11 -11.41 19.32
N GLY C 521 -2.83 -11.26 19.65
CA GLY C 521 -1.83 -12.12 19.06
C GLY C 521 -2.01 -13.48 19.71
N PHE C 522 -2.24 -13.46 21.02
CA PHE C 522 -2.43 -14.65 21.81
C PHE C 522 -3.72 -15.39 21.43
N LEU C 523 -4.84 -14.67 21.48
CA LEU C 523 -6.14 -15.26 21.15
C LEU C 523 -6.13 -15.89 19.76
N TYR C 524 -5.43 -15.27 18.82
CA TYR C 524 -5.37 -15.79 17.46
C TYR C 524 -4.07 -16.55 17.17
N ASP C 528 5.20 -18.70 20.86
CA ASP C 528 5.66 -18.05 22.13
C ASP C 528 6.60 -16.89 21.83
N GLU C 529 7.41 -17.05 20.77
CA GLU C 529 8.36 -16.01 20.37
C GLU C 529 7.64 -14.71 19.99
N LYS C 530 6.74 -14.80 19.01
CA LYS C 530 6.00 -13.62 18.56
C LYS C 530 5.37 -12.92 19.76
N ILE C 531 4.80 -13.71 20.67
CA ILE C 531 4.17 -13.18 21.88
C ILE C 531 5.23 -12.44 22.70
N GLY C 532 6.37 -13.09 22.91
CA GLY C 532 7.45 -12.49 23.66
C GLY C 532 7.97 -11.22 23.01
N GLN C 533 8.13 -11.26 21.69
CA GLN C 533 8.62 -10.10 20.94
C GLN C 533 7.67 -8.91 21.14
N ILE C 534 6.37 -9.16 20.99
CA ILE C 534 5.36 -8.12 21.16
C ILE C 534 5.37 -7.59 22.59
N VAL C 535 5.58 -8.49 23.55
CA VAL C 535 5.62 -8.12 24.98
C VAL C 535 7.00 -7.59 25.37
N GLY C 536 7.99 -7.79 24.51
CA GLY C 536 9.33 -7.31 24.79
C GLY C 536 10.29 -8.32 25.39
N ALA C 537 9.82 -9.56 25.59
CA ALA C 537 10.66 -10.60 26.16
C ALA C 537 10.95 -11.74 25.18
N GLY C 538 11.50 -12.83 25.69
CA GLY C 538 11.83 -13.97 24.84
C GLY C 538 10.76 -15.04 24.80
N LYS C 539 11.02 -16.11 24.06
CA LYS C 539 10.07 -17.22 23.92
C LYS C 539 9.61 -17.78 25.26
N GLU C 540 10.40 -17.54 26.31
CA GLU C 540 10.07 -18.03 27.66
C GLU C 540 8.89 -17.28 28.25
N ARG C 541 8.95 -15.95 28.22
CA ARG C 541 7.88 -15.12 28.75
C ARG C 541 6.65 -15.35 27.88
N GLY C 542 6.86 -15.37 26.56
CA GLY C 542 5.76 -15.61 25.64
C GLY C 542 5.00 -16.87 26.03
N LYS C 543 5.75 -17.92 26.36
CA LYS C 543 5.15 -19.19 26.76
C LYS C 543 4.37 -19.04 28.05
N GLU C 544 5.06 -18.61 29.11
CA GLU C 544 4.44 -18.41 30.42
C GLU C 544 3.13 -17.61 30.32
N LEU C 545 3.19 -16.49 29.60
CA LEU C 545 2.02 -15.62 29.42
C LEU C 545 0.92 -16.33 28.63
N LYS C 546 1.33 -17.11 27.62
CA LYS C 546 0.38 -17.83 26.78
C LYS C 546 -0.44 -18.82 27.61
N LYS C 547 0.20 -19.45 28.58
CA LYS C 547 -0.46 -20.43 29.44
C LYS C 547 -1.27 -19.76 30.55
N LYS C 548 -0.66 -18.79 31.23
CA LYS C 548 -1.32 -18.06 32.31
C LYS C 548 -2.64 -17.47 31.82
N PHE C 549 -2.65 -17.06 30.56
CA PHE C 549 -3.83 -16.47 29.93
C PHE C 549 -4.81 -17.53 29.41
N LEU C 550 -4.29 -18.66 28.95
CA LEU C 550 -5.14 -19.74 28.45
C LEU C 550 -5.80 -20.45 29.63
N GLU C 551 -4.99 -20.75 30.65
CA GLU C 551 -5.49 -21.42 31.85
C GLU C 551 -6.58 -20.57 32.50
N ASN C 552 -6.45 -19.24 32.37
CA ASN C 552 -7.43 -18.32 32.94
C ASN C 552 -8.77 -18.51 32.23
N THR C 553 -8.72 -18.70 30.91
CA THR C 553 -9.94 -18.91 30.12
C THR C 553 -9.84 -20.22 29.34
N PRO C 554 -10.22 -21.35 29.96
CA PRO C 554 -10.19 -22.67 29.34
C PRO C 554 -11.19 -22.91 28.21
N ALA C 555 -12.37 -22.30 28.29
CA ALA C 555 -13.40 -22.47 27.26
C ALA C 555 -12.92 -22.07 25.86
N ILE C 556 -11.81 -21.34 25.81
CA ILE C 556 -11.24 -20.93 24.54
C ILE C 556 -10.83 -22.18 23.75
N ALA C 557 -10.39 -23.21 24.48
CA ALA C 557 -9.98 -24.45 23.85
C ALA C 557 -11.20 -25.18 23.28
N ALA C 558 -12.27 -25.21 24.05
CA ALA C 558 -13.50 -25.86 23.60
C ALA C 558 -14.01 -25.21 22.31
N LEU C 559 -14.00 -23.88 22.26
CA LEU C 559 -14.45 -23.15 21.08
C LEU C 559 -13.59 -23.53 19.88
N ARG C 560 -12.27 -23.59 20.08
CA ARG C 560 -11.34 -23.97 19.03
C ARG C 560 -11.67 -25.37 18.51
N GLU C 561 -11.75 -26.32 19.43
CA GLU C 561 -12.06 -27.70 19.09
C GLU C 561 -13.32 -27.74 18.22
N SER C 562 -14.40 -27.21 18.76
CA SER C 562 -15.68 -27.20 18.06
C SER C 562 -15.54 -26.60 16.65
N ILE C 563 -14.69 -25.59 16.50
CA ILE C 563 -14.48 -24.98 15.20
C ILE C 563 -13.79 -25.96 14.27
N GLN C 564 -12.68 -26.52 14.74
CA GLN C 564 -11.91 -27.50 13.98
C GLN C 564 -12.77 -28.68 13.52
N GLN C 565 -13.50 -29.27 14.46
CA GLN C 565 -14.36 -30.42 14.16
C GLN C 565 -15.41 -30.11 13.10
N THR C 566 -15.87 -28.86 13.05
CA THR C 566 -16.87 -28.47 12.09
C THR C 566 -16.30 -28.28 10.69
N LEU C 567 -15.05 -27.85 10.61
CA LEU C 567 -14.40 -27.59 9.33
C LEU C 567 -13.52 -28.70 8.78
N VAL C 568 -12.60 -29.20 9.60
CA VAL C 568 -11.67 -30.24 9.18
C VAL C 568 -12.18 -31.65 9.48
N GLU C 569 -11.63 -32.64 8.79
CA GLU C 569 -12.02 -34.03 8.98
C GLU C 569 -10.82 -34.94 8.72
N LYS C 581 -7.82 -31.85 3.88
CA LYS C 581 -9.14 -32.49 3.63
C LYS C 581 -10.22 -31.77 4.43
N TRP C 582 -11.01 -30.96 3.74
CA TRP C 582 -12.07 -30.20 4.40
C TRP C 582 -13.44 -30.86 4.39
N LYS C 583 -14.17 -30.60 5.47
CA LYS C 583 -15.52 -31.09 5.65
C LYS C 583 -16.37 -29.98 5.04
N ARG C 584 -15.90 -28.76 5.23
CA ARG C 584 -16.53 -27.53 4.74
C ARG C 584 -15.45 -26.47 4.90
N ARG C 585 -15.17 -25.70 3.84
CA ARG C 585 -14.12 -24.71 3.94
C ARG C 585 -14.59 -23.27 4.20
N TRP C 586 -15.80 -23.12 4.74
CA TRP C 586 -16.31 -21.79 5.07
C TRP C 586 -17.11 -21.82 6.36
N ILE C 587 -17.20 -20.66 7.00
CA ILE C 587 -17.93 -20.49 8.24
C ILE C 587 -19.08 -19.53 7.98
N LYS C 588 -20.20 -19.74 8.67
CA LYS C 588 -21.39 -18.91 8.51
C LYS C 588 -21.29 -17.63 9.32
N GLY C 589 -21.28 -16.49 8.64
CA GLY C 589 -21.18 -15.21 9.31
C GLY C 589 -22.45 -14.82 10.03
N LEU C 590 -22.40 -13.74 10.81
CA LEU C 590 -23.55 -13.28 11.57
C LEU C 590 -24.79 -13.00 10.73
N ASP C 591 -24.62 -12.66 9.46
CA ASP C 591 -25.77 -12.38 8.62
C ASP C 591 -26.05 -13.53 7.68
N GLY C 592 -25.41 -14.68 7.94
CA GLY C 592 -25.61 -15.87 7.14
C GLY C 592 -24.70 -16.16 5.95
N ARG C 593 -23.91 -15.18 5.53
CA ARG C 593 -23.04 -15.38 4.37
C ARG C 593 -21.96 -16.42 4.66
N LYS C 594 -21.32 -16.92 3.60
CA LYS C 594 -20.23 -17.87 3.75
C LYS C 594 -18.96 -17.05 3.96
N VAL C 595 -18.17 -17.45 4.94
CA VAL C 595 -16.92 -16.76 5.21
C VAL C 595 -15.82 -17.77 4.97
N HIS C 596 -15.11 -17.60 3.86
CA HIS C 596 -14.04 -18.51 3.49
C HIS C 596 -12.96 -18.64 4.55
N VAL C 597 -12.56 -19.87 4.86
CA VAL C 597 -11.52 -20.11 5.84
C VAL C 597 -10.27 -20.54 5.07
N ARG C 598 -9.21 -19.75 5.15
CA ARG C 598 -7.97 -20.05 4.44
C ARG C 598 -7.20 -21.22 5.05
N SER C 599 -7.13 -21.28 6.38
CA SER C 599 -6.43 -22.38 7.02
C SER C 599 -7.04 -22.73 8.37
N PRO C 600 -6.96 -24.02 8.74
CA PRO C 600 -7.50 -24.52 10.01
C PRO C 600 -7.00 -23.70 11.21
N HIS C 601 -5.78 -23.18 11.11
CA HIS C 601 -5.20 -22.40 12.19
C HIS C 601 -5.79 -20.99 12.28
N ALA C 602 -6.17 -20.42 11.14
CA ALA C 602 -6.73 -19.08 11.15
C ALA C 602 -8.24 -19.07 11.37
N ALA C 603 -8.82 -20.26 11.57
CA ALA C 603 -10.26 -20.41 11.76
C ALA C 603 -10.90 -19.54 12.86
N LEU C 604 -10.35 -19.59 14.07
CA LEU C 604 -10.90 -18.79 15.16
C LEU C 604 -10.88 -17.32 14.78
N ASN C 605 -9.74 -16.86 14.26
CA ASN C 605 -9.59 -15.47 13.86
C ASN C 605 -10.62 -15.12 12.81
N THR C 606 -10.79 -15.99 11.82
CA THR C 606 -11.76 -15.74 10.78
C THR C 606 -13.11 -15.51 11.46
N LEU C 607 -13.50 -16.43 12.32
CA LEU C 607 -14.78 -16.35 13.02
C LEU C 607 -14.96 -15.05 13.83
N LEU C 608 -13.94 -14.64 14.58
CA LEU C 608 -14.06 -13.43 15.38
C LEU C 608 -13.94 -12.13 14.55
N GLN C 609 -12.99 -12.07 13.62
CA GLN C 609 -12.83 -10.87 12.81
C GLN C 609 -14.08 -10.65 11.95
N SER C 610 -14.66 -11.73 11.44
CA SER C 610 -15.86 -11.60 10.63
C SER C 610 -17.00 -11.05 11.48
N ALA C 611 -17.14 -11.60 12.69
CA ALA C 611 -18.18 -11.15 13.60
C ALA C 611 -17.98 -9.67 13.88
N GLY C 612 -16.73 -9.28 14.14
CA GLY C 612 -16.43 -7.88 14.40
C GLY C 612 -16.76 -7.01 13.21
N ALA C 613 -16.30 -7.43 12.03
CA ALA C 613 -16.55 -6.70 10.79
C ALA C 613 -18.05 -6.54 10.54
N LEU C 614 -18.79 -7.64 10.59
CA LEU C 614 -20.21 -7.58 10.35
C LEU C 614 -20.96 -6.77 11.41
N ILE C 615 -20.52 -6.85 12.66
CA ILE C 615 -21.18 -6.05 13.69
C ILE C 615 -20.98 -4.59 13.34
N CYS C 616 -19.73 -4.20 13.07
CA CYS C 616 -19.42 -2.82 12.72
C CYS C 616 -20.13 -2.32 11.49
N LYS C 617 -20.28 -3.20 10.51
CA LYS C 617 -20.93 -2.83 9.26
C LYS C 617 -22.41 -2.50 9.47
N LEU C 618 -23.14 -3.34 10.21
CA LEU C 618 -24.55 -3.07 10.46
C LEU C 618 -24.64 -1.85 11.38
N TRP C 619 -23.66 -1.72 12.25
CA TRP C 619 -23.61 -0.60 13.17
C TRP C 619 -23.55 0.76 12.46
N ILE C 620 -22.62 0.94 11.53
CA ILE C 620 -22.54 2.23 10.85
C ILE C 620 -23.77 2.47 9.99
N ILE C 621 -24.38 1.38 9.50
CA ILE C 621 -25.58 1.54 8.70
C ILE C 621 -26.71 2.03 9.60
N LYS C 622 -26.88 1.39 10.76
CA LYS C 622 -27.95 1.78 11.69
C LYS C 622 -27.75 3.16 12.28
N THR C 623 -26.50 3.54 12.52
CA THR C 623 -26.20 4.84 13.09
C THR C 623 -26.67 5.95 12.15
N GLU C 624 -26.35 5.82 10.87
CA GLU C 624 -26.75 6.82 9.90
C GLU C 624 -28.28 6.82 9.73
N GLU C 625 -28.87 5.63 9.70
CA GLU C 625 -30.32 5.54 9.55
C GLU C 625 -31.05 6.21 10.72
N MET C 626 -30.50 6.04 11.93
CA MET C 626 -31.11 6.65 13.09
C MET C 626 -30.99 8.18 13.08
N LEU C 627 -29.83 8.69 12.67
CA LEU C 627 -29.62 10.13 12.60
C LEU C 627 -30.63 10.73 11.60
N VAL C 628 -30.85 10.03 10.50
CA VAL C 628 -31.79 10.48 9.50
C VAL C 628 -33.22 10.41 10.02
N GLU C 629 -33.55 9.38 10.80
CA GLU C 629 -34.90 9.29 11.33
C GLU C 629 -35.12 10.37 12.37
N LYS C 630 -34.02 10.93 12.88
CA LYS C 630 -34.11 11.99 13.86
C LYS C 630 -34.23 13.37 13.18
N GLY C 631 -34.23 13.37 11.85
CA GLY C 631 -34.35 14.63 11.12
C GLY C 631 -33.04 15.28 10.68
N LEU C 632 -31.91 14.62 10.88
CA LEU C 632 -30.61 15.19 10.48
C LEU C 632 -30.27 14.86 9.03
N LYS C 633 -29.68 15.84 8.34
CA LYS C 633 -29.32 15.67 6.94
C LYS C 633 -27.85 15.28 6.73
N HIS C 634 -27.63 14.27 5.88
CA HIS C 634 -26.29 13.77 5.59
C HIS C 634 -25.64 14.52 4.43
N GLY C 635 -24.62 15.32 4.75
CA GLY C 635 -23.90 16.08 3.74
C GLY C 635 -23.29 17.33 4.32
N TRP C 636 -22.39 17.95 3.58
CA TRP C 636 -21.75 19.19 4.03
C TRP C 636 -22.80 20.30 3.97
N ASP C 637 -23.84 20.08 3.19
CA ASP C 637 -24.92 21.06 3.07
C ASP C 637 -25.99 20.68 4.06
N GLY C 638 -25.66 19.77 4.96
CA GLY C 638 -26.61 19.34 5.97
C GLY C 638 -26.17 19.50 7.41
N ASP C 639 -26.19 18.40 8.15
CA ASP C 639 -25.83 18.38 9.57
C ASP C 639 -24.64 17.51 9.95
N PHE C 640 -24.38 16.45 9.19
CA PHE C 640 -23.24 15.60 9.49
C PHE C 640 -22.73 14.98 8.22
N ALA C 641 -21.50 14.48 8.27
CA ALA C 641 -20.90 13.84 7.11
C ALA C 641 -19.91 12.77 7.58
N TYR C 642 -20.13 11.52 7.16
CA TYR C 642 -19.23 10.43 7.49
C TYR C 642 -17.94 10.78 6.74
N MET C 643 -16.82 10.81 7.46
CA MET C 643 -15.56 11.12 6.82
C MET C 643 -14.72 9.86 6.69
N ALA C 644 -14.80 8.99 7.69
CA ALA C 644 -14.03 7.75 7.64
C ALA C 644 -14.57 6.61 8.50
N TRP C 645 -14.33 5.42 8.01
CA TRP C 645 -14.72 4.21 8.70
C TRP C 645 -13.50 3.30 8.68
N VAL C 646 -12.86 3.16 9.84
CA VAL C 646 -11.67 2.35 9.97
C VAL C 646 -11.96 1.12 10.85
N HIS C 647 -12.55 0.12 10.22
CA HIS C 647 -12.92 -1.15 10.85
C HIS C 647 -13.95 -0.99 11.97
N ASP C 648 -13.55 -0.60 13.17
CA ASP C 648 -14.54 -0.44 14.24
C ASP C 648 -14.65 0.97 14.79
N GLU C 649 -14.24 1.97 14.00
CA GLU C 649 -14.36 3.35 14.43
C GLU C 649 -14.88 4.20 13.27
N ILE C 650 -15.64 5.23 13.61
CA ILE C 650 -16.13 6.14 12.59
C ILE C 650 -15.76 7.53 13.03
N GLN C 651 -15.37 8.35 12.07
CA GLN C 651 -15.06 9.74 12.34
C GLN C 651 -16.12 10.50 11.58
N VAL C 652 -16.94 11.25 12.30
CA VAL C 652 -18.05 11.99 11.69
C VAL C 652 -17.92 13.50 11.85
N GLY C 653 -18.04 14.20 10.72
CA GLY C 653 -17.96 15.66 10.75
C GLY C 653 -19.34 16.17 11.12
N CYS C 654 -19.40 17.10 12.06
CA CYS C 654 -20.68 17.65 12.50
C CYS C 654 -20.74 19.17 12.44
N ARG C 655 -21.85 19.69 11.93
CA ARG C 655 -22.02 21.13 11.80
C ARG C 655 -21.94 21.87 13.13
N THR C 656 -22.39 21.24 14.22
CA THR C 656 -22.36 21.87 15.55
C THR C 656 -21.98 20.88 16.65
N GLU C 657 -21.62 21.39 17.82
CA GLU C 657 -21.27 20.55 18.96
C GLU C 657 -22.44 19.70 19.40
N GLU C 658 -23.62 20.30 19.38
CA GLU C 658 -24.85 19.62 19.78
C GLU C 658 -25.09 18.42 18.87
N ILE C 659 -24.86 18.60 17.56
CA ILE C 659 -25.05 17.52 16.61
C ILE C 659 -24.00 16.44 16.89
N ALA C 660 -22.80 16.88 17.25
CA ALA C 660 -21.74 15.94 17.54
C ALA C 660 -22.17 15.08 18.73
N GLN C 661 -22.79 15.70 19.73
CA GLN C 661 -23.27 14.99 20.91
C GLN C 661 -24.36 13.98 20.52
N VAL C 662 -25.26 14.41 19.63
CA VAL C 662 -26.33 13.53 19.16
C VAL C 662 -25.74 12.34 18.39
N VAL C 663 -24.74 12.60 17.56
CA VAL C 663 -24.07 11.56 16.78
C VAL C 663 -23.45 10.51 17.73
N ILE C 664 -22.74 10.98 18.74
CA ILE C 664 -22.10 10.07 19.70
C ILE C 664 -23.12 9.20 20.45
N GLU C 665 -24.19 9.83 20.95
CA GLU C 665 -25.20 9.09 21.69
C GLU C 665 -25.97 8.14 20.78
N THR C 666 -26.19 8.56 19.54
CA THR C 666 -26.91 7.75 18.58
C THR C 666 -26.10 6.52 18.17
N ALA C 667 -24.78 6.70 18.02
CA ALA C 667 -23.91 5.59 17.65
C ALA C 667 -23.95 4.50 18.74
N GLN C 668 -24.00 4.93 20.01
CA GLN C 668 -24.08 3.99 21.12
C GLN C 668 -25.40 3.21 21.06
N GLU C 669 -26.49 3.91 20.74
CA GLU C 669 -27.80 3.25 20.66
C GLU C 669 -27.83 2.27 19.49
N ALA C 670 -27.22 2.63 18.37
CA ALA C 670 -27.20 1.76 17.20
C ALA C 670 -26.44 0.46 17.52
N MET C 671 -25.36 0.57 18.30
CA MET C 671 -24.56 -0.58 18.69
C MET C 671 -25.41 -1.52 19.55
N ARG C 672 -26.14 -0.95 20.51
CA ARG C 672 -26.99 -1.77 21.37
C ARG C 672 -28.04 -2.44 20.50
N TRP C 673 -28.52 -1.72 19.47
CA TRP C 673 -29.51 -2.28 18.56
C TRP C 673 -28.96 -3.48 17.78
N VAL C 674 -27.71 -3.37 17.35
CA VAL C 674 -27.05 -4.44 16.61
C VAL C 674 -26.89 -5.66 17.51
N GLY C 675 -26.42 -5.43 18.74
CA GLY C 675 -26.25 -6.51 19.67
C GLY C 675 -27.54 -7.28 19.91
N ASP C 676 -28.65 -6.54 19.98
CA ASP C 676 -29.96 -7.17 20.19
C ASP C 676 -30.43 -7.85 18.92
N HIS C 677 -30.19 -7.19 17.78
CA HIS C 677 -30.59 -7.71 16.48
C HIS C 677 -30.10 -9.13 16.24
N TRP C 678 -28.86 -9.39 16.60
CA TRP C 678 -28.28 -10.72 16.42
C TRP C 678 -28.18 -11.53 17.72
N ASN C 679 -29.00 -11.20 18.71
CA ASN C 679 -29.00 -11.91 19.98
C ASN C 679 -27.59 -12.18 20.49
N PHE C 680 -26.74 -11.15 20.51
CA PHE C 680 -25.38 -11.35 20.96
C PHE C 680 -25.31 -11.67 22.44
N ARG C 681 -24.45 -12.62 22.80
CA ARG C 681 -24.31 -13.07 24.17
C ARG C 681 -23.40 -12.23 25.05
N CYS C 682 -22.95 -11.10 24.53
CA CYS C 682 -22.11 -10.19 25.30
C CYS C 682 -22.61 -8.80 24.96
N LEU C 683 -22.75 -7.96 25.98
CA LEU C 683 -23.21 -6.60 25.77
C LEU C 683 -22.18 -5.83 24.92
N LEU C 684 -22.65 -5.12 23.90
CA LEU C 684 -21.74 -4.37 23.03
C LEU C 684 -21.82 -2.88 23.35
N ASP C 685 -20.67 -2.20 23.35
CA ASP C 685 -20.61 -0.77 23.64
C ASP C 685 -19.70 0.02 22.71
N THR C 686 -19.81 1.34 22.81
CA THR C 686 -18.99 2.26 22.01
C THR C 686 -18.46 3.36 22.92
N GLU C 687 -17.41 4.04 22.46
CA GLU C 687 -16.82 5.13 23.21
C GLU C 687 -16.73 6.29 22.22
N GLY C 688 -17.25 7.45 22.63
CA GLY C 688 -17.24 8.61 21.75
C GLY C 688 -16.44 9.79 22.26
N LYS C 689 -15.79 10.47 21.33
CA LYS C 689 -14.98 11.65 21.65
C LYS C 689 -15.33 12.78 20.70
N MET C 690 -15.46 13.99 21.25
CA MET C 690 -15.75 15.16 20.44
C MET C 690 -14.53 16.07 20.38
N GLY C 691 -14.17 16.50 19.18
CA GLY C 691 -13.01 17.35 19.04
C GLY C 691 -12.93 17.93 17.64
N PRO C 692 -11.89 18.73 17.36
CA PRO C 692 -11.68 19.35 16.05
C PRO C 692 -11.08 18.44 14.98
N ASN C 693 -10.30 17.45 15.39
CA ASN C 693 -9.66 16.57 14.42
C ASN C 693 -9.40 15.15 14.94
N TRP C 694 -8.83 14.32 14.08
CA TRP C 694 -8.54 12.91 14.41
C TRP C 694 -7.53 12.74 15.55
N ALA C 695 -6.65 13.71 15.72
CA ALA C 695 -5.65 13.62 16.79
C ALA C 695 -6.37 13.58 18.13
N ILE C 696 -7.42 14.39 18.24
CA ILE C 696 -8.20 14.47 19.47
C ILE C 696 -9.35 13.46 19.55
N CYS C 697 -9.80 12.93 18.42
CA CYS C 697 -10.92 12.00 18.45
C CYS C 697 -10.65 10.50 18.32
N HIS C 698 -9.54 10.03 18.88
CA HIS C 698 -9.24 8.60 18.83
C HIS C 698 -8.12 8.26 19.78
N LYS D 3 59.51 -2.14 -4.58
CA LYS D 3 59.74 -0.67 -4.65
C LYS D 3 58.47 0.10 -4.99
N ILE D 4 57.32 -0.55 -4.80
CA ILE D 4 56.05 0.08 -5.08
C ILE D 4 55.60 0.95 -3.89
N ILE D 5 55.10 2.14 -4.20
CA ILE D 5 54.62 3.05 -3.17
C ILE D 5 53.14 2.84 -2.92
N HIS D 6 52.81 2.43 -1.70
CA HIS D 6 51.42 2.18 -1.32
C HIS D 6 50.82 3.45 -0.73
N LEU D 7 49.99 4.12 -1.53
CA LEU D 7 49.34 5.37 -1.14
C LEU D 7 48.09 5.17 -0.27
N THR D 8 47.64 6.28 0.31
CA THR D 8 46.42 6.31 1.11
C THR D 8 45.80 7.67 0.76
N ASP D 9 44.51 7.83 1.03
CA ASP D 9 43.86 9.10 0.74
C ASP D 9 44.63 10.30 1.30
N ASP D 10 45.08 10.19 2.54
CA ASP D 10 45.78 11.28 3.21
C ASP D 10 47.22 11.57 2.78
N SER D 11 47.88 10.62 2.13
CA SER D 11 49.26 10.83 1.68
C SER D 11 49.36 11.18 0.20
N PHE D 12 48.31 10.83 -0.55
CA PHE D 12 48.29 11.07 -1.98
C PHE D 12 48.78 12.44 -2.43
N ASP D 13 48.30 13.50 -1.80
CA ASP D 13 48.70 14.85 -2.19
C ASP D 13 50.22 15.09 -2.22
N THR D 14 50.91 14.77 -1.14
CA THR D 14 52.35 15.00 -1.07
C THR D 14 53.18 13.93 -1.79
N ASP D 15 52.71 12.68 -1.79
CA ASP D 15 53.44 11.60 -2.45
C ASP D 15 53.31 11.63 -3.97
N VAL D 16 52.16 12.05 -4.47
CA VAL D 16 51.92 12.09 -5.90
C VAL D 16 51.97 13.50 -6.48
N LEU D 17 51.02 14.33 -6.08
CA LEU D 17 50.91 15.70 -6.59
C LEU D 17 52.07 16.65 -6.30
N LYS D 18 52.75 16.47 -5.17
CA LYS D 18 53.86 17.34 -4.82
C LYS D 18 55.20 16.68 -5.05
N ALA D 19 55.18 15.50 -5.64
CA ALA D 19 56.42 14.78 -5.89
C ALA D 19 57.14 15.33 -7.13
N ASP D 20 58.40 14.93 -7.26
CA ASP D 20 59.21 15.34 -8.41
C ASP D 20 59.37 14.11 -9.27
N GLY D 21 59.46 14.31 -10.58
CA GLY D 21 59.60 13.18 -11.48
C GLY D 21 58.26 12.53 -11.78
N ALA D 22 58.29 11.58 -12.72
CA ALA D 22 57.08 10.88 -13.13
C ALA D 22 56.67 9.83 -12.10
N ILE D 23 55.36 9.77 -11.85
CA ILE D 23 54.81 8.81 -10.90
C ILE D 23 53.63 8.09 -11.57
N LEU D 24 53.67 6.76 -11.60
CA LEU D 24 52.58 6.00 -12.19
C LEU D 24 51.69 5.51 -11.07
N VAL D 25 50.43 5.91 -11.09
CA VAL D 25 49.47 5.51 -10.07
C VAL D 25 48.45 4.50 -10.57
N ASP D 26 48.33 3.39 -9.84
CA ASP D 26 47.40 2.34 -10.20
C ASP D 26 46.21 2.25 -9.24
N PHE D 27 45.04 2.67 -9.72
CA PHE D 27 43.82 2.59 -8.91
C PHE D 27 43.27 1.19 -9.08
N TRP D 28 43.23 0.45 -7.98
CA TRP D 28 42.79 -0.93 -8.05
C TRP D 28 41.90 -1.38 -6.89
N ALA D 29 41.31 -2.56 -7.07
CA ALA D 29 40.45 -3.17 -6.07
C ALA D 29 40.81 -4.65 -6.04
N GLU D 30 40.75 -5.24 -4.86
CA GLU D 30 41.07 -6.65 -4.67
C GLU D 30 40.12 -7.58 -5.41
N TRP D 31 38.88 -7.12 -5.64
CA TRP D 31 37.87 -7.94 -6.30
C TRP D 31 37.88 -7.85 -7.82
N CYS D 32 38.82 -7.12 -8.41
CA CYS D 32 38.89 -6.99 -9.85
C CYS D 32 39.87 -7.98 -10.49
N GLY D 33 39.37 -8.73 -11.46
CA GLY D 33 40.22 -9.70 -12.15
C GLY D 33 41.36 -9.00 -12.86
N PRO D 34 41.06 -8.02 -13.73
CA PRO D 34 42.08 -7.28 -14.48
C PRO D 34 43.16 -6.67 -13.58
N CYS D 35 42.74 -6.17 -12.42
CA CYS D 35 43.66 -5.58 -11.46
C CYS D 35 44.67 -6.62 -11.02
N LYS D 36 44.16 -7.80 -10.69
CA LYS D 36 44.98 -8.91 -10.24
C LYS D 36 45.94 -9.33 -11.35
N MET D 37 45.52 -9.11 -12.60
CA MET D 37 46.35 -9.46 -13.75
C MET D 37 47.54 -8.53 -13.96
N ILE D 38 47.33 -7.21 -13.90
CA ILE D 38 48.41 -6.28 -14.13
C ILE D 38 49.34 -6.07 -12.92
N ALA D 39 48.87 -6.44 -11.73
CA ALA D 39 49.67 -6.28 -10.52
C ALA D 39 51.09 -6.83 -10.67
N PRO D 40 51.22 -8.11 -11.10
CA PRO D 40 52.55 -8.69 -11.25
C PRO D 40 53.40 -7.84 -12.20
N ILE D 41 52.79 -7.41 -13.29
CA ILE D 41 53.48 -6.58 -14.28
C ILE D 41 54.04 -5.31 -13.64
N LEU D 42 53.25 -4.68 -12.79
CA LEU D 42 53.66 -3.45 -12.12
C LEU D 42 54.88 -3.66 -11.22
N ASP D 43 54.95 -4.80 -10.54
CA ASP D 43 56.08 -5.10 -9.67
C ASP D 43 57.38 -5.12 -10.48
N GLU D 44 57.30 -5.68 -11.69
CA GLU D 44 58.46 -5.78 -12.57
C GLU D 44 58.84 -4.42 -13.15
N ILE D 45 57.83 -3.60 -13.45
CA ILE D 45 58.11 -2.28 -13.98
C ILE D 45 58.83 -1.47 -12.92
N ALA D 46 58.28 -1.47 -11.70
CA ALA D 46 58.87 -0.74 -10.59
C ALA D 46 60.37 -0.97 -10.48
N ASP D 47 60.78 -2.24 -10.51
CA ASP D 47 62.20 -2.58 -10.41
C ASP D 47 62.95 -2.19 -11.67
N GLU D 48 62.37 -2.47 -12.83
CA GLU D 48 63.01 -2.14 -14.10
C GLU D 48 63.21 -0.65 -14.34
N TYR D 49 62.22 0.16 -13.97
CA TYR D 49 62.31 1.61 -14.16
C TYR D 49 62.83 2.41 -12.96
N GLN D 50 63.57 1.75 -12.07
CA GLN D 50 64.09 2.45 -10.90
C GLN D 50 64.81 3.74 -11.31
N GLY D 51 64.69 4.76 -10.48
CA GLY D 51 65.35 6.03 -10.77
C GLY D 51 64.78 6.84 -11.93
N LYS D 52 64.00 6.19 -12.79
CA LYS D 52 63.41 6.89 -13.93
C LYS D 52 61.89 7.01 -13.81
N LEU D 53 61.33 6.29 -12.86
CA LEU D 53 59.88 6.31 -12.62
C LEU D 53 59.52 5.76 -11.24
N THR D 54 58.42 6.25 -10.69
CA THR D 54 57.94 5.77 -9.39
C THR D 54 56.56 5.13 -9.55
N VAL D 55 56.43 3.89 -9.10
CA VAL D 55 55.16 3.17 -9.19
C VAL D 55 54.41 3.20 -7.87
N ALA D 56 53.22 3.77 -7.89
CA ALA D 56 52.37 3.89 -6.71
C ALA D 56 51.04 3.17 -6.93
N LYS D 57 50.42 2.76 -5.83
CA LYS D 57 49.15 2.05 -5.90
C LYS D 57 48.19 2.55 -4.86
N LEU D 58 46.94 2.73 -5.27
CA LEU D 58 45.90 3.18 -4.35
C LEU D 58 44.71 2.25 -4.45
N ASN D 59 44.46 1.51 -3.38
CA ASN D 59 43.33 0.60 -3.32
C ASN D 59 42.09 1.46 -3.07
N ILE D 60 41.21 1.55 -4.05
CA ILE D 60 40.01 2.38 -3.94
C ILE D 60 39.01 2.00 -2.83
N ASP D 61 39.08 0.78 -2.30
CA ASP D 61 38.19 0.38 -1.21
C ASP D 61 38.70 0.88 0.13
N GLN D 62 40.01 0.88 0.31
CA GLN D 62 40.61 1.35 1.56
C GLN D 62 40.74 2.87 1.57
N ASN D 63 40.84 3.45 0.38
CA ASN D 63 40.99 4.89 0.21
C ASN D 63 39.95 5.34 -0.84
N PRO D 64 38.71 5.57 -0.40
CA PRO D 64 37.60 5.98 -1.26
C PRO D 64 37.50 7.44 -1.71
N GLY D 65 38.28 8.32 -1.11
CA GLY D 65 38.20 9.73 -1.46
C GLY D 65 38.90 10.24 -2.72
N THR D 66 40.06 9.66 -3.02
CA THR D 66 40.84 10.09 -4.18
C THR D 66 40.28 9.78 -5.57
N ALA D 67 40.03 8.50 -5.85
CA ALA D 67 39.53 8.08 -7.16
C ALA D 67 38.47 8.97 -7.82
N PRO D 68 37.37 9.28 -7.10
CA PRO D 68 36.30 10.12 -7.64
C PRO D 68 36.78 11.45 -8.22
N LYS D 69 37.77 12.06 -7.59
CA LYS D 69 38.29 13.34 -8.06
C LYS D 69 38.89 13.23 -9.45
N TYR D 70 39.17 12.00 -9.88
CA TYR D 70 39.73 11.79 -11.20
C TYR D 70 38.76 11.13 -12.17
N GLY D 71 37.50 11.04 -11.76
CA GLY D 71 36.46 10.46 -12.59
C GLY D 71 36.66 9.02 -13.04
N ILE D 72 37.15 8.17 -12.15
CA ILE D 72 37.36 6.77 -12.49
C ILE D 72 36.04 6.13 -12.91
N ARG D 73 36.08 5.33 -13.99
CA ARG D 73 34.89 4.64 -14.49
C ARG D 73 35.21 3.16 -14.76
N GLY D 74 36.49 2.80 -14.61
CA GLY D 74 36.91 1.42 -14.82
C GLY D 74 38.26 1.15 -14.17
N ILE D 75 38.51 -0.09 -13.79
CA ILE D 75 39.79 -0.45 -13.17
C ILE D 75 40.38 -1.71 -13.79
N PRO D 76 41.72 -1.83 -13.79
CA PRO D 76 42.67 -0.87 -13.23
C PRO D 76 42.83 0.41 -14.05
N THR D 77 43.03 1.52 -13.37
CA THR D 77 43.23 2.80 -14.05
C THR D 77 44.68 3.24 -13.79
N LEU D 78 45.44 3.40 -14.87
CA LEU D 78 46.82 3.82 -14.75
C LEU D 78 46.88 5.29 -15.06
N LEU D 79 47.19 6.09 -14.04
CA LEU D 79 47.27 7.52 -14.18
C LEU D 79 48.73 7.96 -14.02
N LEU D 80 49.26 8.66 -15.02
CA LEU D 80 50.63 9.11 -14.94
C LEU D 80 50.67 10.60 -14.57
N PHE D 81 51.35 10.90 -13.48
CA PHE D 81 51.47 12.28 -13.01
C PHE D 81 52.88 12.81 -13.26
N LYS D 82 52.94 14.05 -13.74
CA LYS D 82 54.22 14.71 -14.01
C LYS D 82 54.19 16.06 -13.31
N ASN D 83 55.02 16.21 -12.30
CA ASN D 83 55.10 17.45 -11.53
C ASN D 83 53.74 17.99 -11.11
N GLY D 84 52.92 17.13 -10.52
CA GLY D 84 51.63 17.57 -10.04
C GLY D 84 50.38 17.34 -10.86
N GLU D 85 50.52 16.97 -12.13
CA GLU D 85 49.34 16.75 -12.94
C GLU D 85 49.38 15.51 -13.81
N VAL D 86 48.21 15.09 -14.28
CA VAL D 86 48.07 13.92 -15.12
C VAL D 86 48.55 14.21 -16.54
N ALA D 87 49.52 13.43 -17.00
CA ALA D 87 50.07 13.63 -18.34
C ALA D 87 49.37 12.68 -19.31
N ALA D 88 49.23 11.43 -18.90
CA ALA D 88 48.59 10.41 -19.72
C ALA D 88 47.76 9.48 -18.85
N THR D 89 46.84 8.76 -19.48
CA THR D 89 45.99 7.83 -18.78
C THR D 89 45.60 6.63 -19.63
N LYS D 90 45.67 5.44 -19.03
CA LYS D 90 45.33 4.21 -19.70
C LYS D 90 44.53 3.33 -18.73
N VAL D 91 43.45 2.74 -19.21
CA VAL D 91 42.61 1.88 -18.38
C VAL D 91 42.66 0.45 -18.93
N GLY D 92 42.74 -0.54 -18.04
CA GLY D 92 42.79 -1.92 -18.49
C GLY D 92 44.07 -2.65 -18.14
N ALA D 93 44.04 -3.98 -18.25
CA ALA D 93 45.19 -4.81 -17.92
C ALA D 93 46.22 -4.92 -19.05
N LEU D 94 47.01 -3.86 -19.23
CA LEU D 94 48.05 -3.87 -20.26
C LEU D 94 49.08 -4.96 -19.96
N SER D 95 49.77 -5.41 -21.01
CA SER D 95 50.81 -6.42 -20.87
C SER D 95 52.09 -5.64 -20.53
N LYS D 96 53.14 -6.35 -20.15
CA LYS D 96 54.40 -5.66 -19.83
C LYS D 96 54.85 -4.88 -21.05
N GLY D 97 54.78 -5.53 -22.21
CA GLY D 97 55.19 -4.89 -23.45
C GLY D 97 54.42 -3.62 -23.73
N GLN D 98 53.10 -3.70 -23.65
CA GLN D 98 52.23 -2.56 -23.89
C GLN D 98 52.49 -1.46 -22.86
N LEU D 99 52.81 -1.88 -21.63
CA LEU D 99 53.08 -0.93 -20.56
C LEU D 99 54.41 -0.22 -20.81
N LYS D 100 55.45 -1.00 -21.12
CA LYS D 100 56.77 -0.42 -21.40
C LYS D 100 56.65 0.63 -22.48
N GLU D 101 55.84 0.34 -23.50
CA GLU D 101 55.63 1.28 -24.60
C GLU D 101 54.96 2.55 -24.10
N PHE D 102 53.94 2.38 -23.28
CA PHE D 102 53.19 3.49 -22.71
C PHE D 102 54.13 4.40 -21.93
N LEU D 103 54.98 3.79 -21.12
CA LEU D 103 55.94 4.53 -20.31
C LEU D 103 56.98 5.22 -21.20
N ASP D 104 57.82 4.42 -21.85
CA ASP D 104 58.87 4.97 -22.72
C ASP D 104 58.35 6.15 -23.56
N ALA D 105 57.27 5.92 -24.31
CA ALA D 105 56.70 6.96 -25.16
C ALA D 105 56.24 8.18 -24.38
N ASN D 106 55.80 8.00 -23.14
CA ASN D 106 55.32 9.10 -22.33
C ASN D 106 56.37 9.75 -21.43
N LEU D 107 57.37 8.98 -21.02
CA LEU D 107 58.43 9.50 -20.16
C LEU D 107 59.24 10.58 -20.90
#